data_2MKP
#
_entry.id   2MKP
#
_cell.length_a   1.000
_cell.length_b   1.000
_cell.length_c   1.000
_cell.angle_alpha   90.00
_cell.angle_beta   90.00
_cell.angle_gamma   90.00
#
_symmetry.space_group_name_H-M   'P 1'
#
loop_
_entity.id
_entity.type
_entity.pdbx_description
1 polymer 'Troponin C, slow skeletal and cardiac muscles'
2 polymer 'Troponin I, fast skeletal muscle'
3 non-polymer 'CALCIUM ION'
#
loop_
_entity_poly.entity_id
_entity_poly.type
_entity_poly.pdbx_seq_one_letter_code
_entity_poly.pdbx_strand_id
1 'polypeptide(L)'
;MDDIYKAAVEQLTEEQKNEFKAAFDIFVLGAEDGCISTKELGKVMRMLGQNPTPEELQEMIDEVDEDGSGTVDFDEFLVM
MVRCMKDDS
;
C
2 'polypeptide(L)' RMSADAMLKALLGSKHK I
#
# COMPACT_ATOMS: atom_id res chain seq x y z
N MET A 1 -23.02 4.45 9.73
CA MET A 1 -21.75 4.85 9.07
C MET A 1 -21.81 4.46 7.60
N ASP A 2 -20.70 4.66 6.89
CA ASP A 2 -20.63 4.32 5.48
C ASP A 2 -19.24 3.83 5.10
N ASP A 3 -18.94 3.82 3.81
CA ASP A 3 -17.64 3.37 3.34
C ASP A 3 -16.96 4.46 2.53
N ILE A 4 -16.19 5.31 3.21
CA ILE A 4 -15.50 6.40 2.54
C ILE A 4 -14.24 5.88 1.84
N TYR A 5 -13.85 4.65 2.17
CA TYR A 5 -12.67 4.05 1.57
C TYR A 5 -13.07 3.12 0.42
N LYS A 6 -14.00 2.20 0.70
CA LYS A 6 -14.46 1.27 -0.31
C LYS A 6 -15.10 2.01 -1.47
N ALA A 7 -15.66 3.18 -1.19
CA ALA A 7 -16.30 3.98 -2.23
C ALA A 7 -15.27 4.63 -3.12
N ALA A 8 -14.25 5.22 -2.51
CA ALA A 8 -13.19 5.89 -3.26
C ALA A 8 -12.53 4.91 -4.23
N VAL A 9 -12.14 3.74 -3.72
CA VAL A 9 -11.50 2.73 -4.54
C VAL A 9 -12.26 2.55 -5.85
N GLU A 10 -13.54 2.25 -5.75
CA GLU A 10 -14.37 2.04 -6.93
C GLU A 10 -14.40 3.30 -7.78
N GLN A 11 -14.27 4.46 -7.13
CA GLN A 11 -14.29 5.73 -7.84
C GLN A 11 -12.87 6.17 -8.18
N LEU A 12 -12.06 5.23 -8.68
CA LEU A 12 -10.69 5.53 -9.05
C LEU A 12 -10.51 5.52 -10.56
N THR A 13 -9.74 6.48 -11.07
CA THR A 13 -9.51 6.56 -12.51
C THR A 13 -8.16 5.95 -12.87
N GLU A 14 -8.01 5.58 -14.14
CA GLU A 14 -6.76 4.98 -14.60
C GLU A 14 -5.57 5.84 -14.20
N GLU A 15 -5.83 7.11 -13.91
CA GLU A 15 -4.76 8.03 -13.51
C GLU A 15 -4.22 7.64 -12.15
N GLN A 16 -5.09 7.22 -11.24
CA GLN A 16 -4.68 6.82 -9.91
C GLN A 16 -4.23 5.36 -9.89
N LYS A 17 -5.13 4.47 -10.30
CA LYS A 17 -4.81 3.04 -10.34
C LYS A 17 -3.42 2.82 -10.92
N ASN A 18 -3.16 3.47 -12.05
CA ASN A 18 -1.86 3.33 -12.72
C ASN A 18 -0.72 3.54 -11.72
N GLU A 19 -0.96 4.40 -10.73
CA GLU A 19 0.05 4.69 -9.72
C GLU A 19 0.09 3.57 -8.68
N PHE A 20 -1.08 3.23 -8.14
CA PHE A 20 -1.16 2.19 -7.13
C PHE A 20 -0.59 0.88 -7.67
N LYS A 21 -0.96 0.54 -8.90
CA LYS A 21 -0.47 -0.69 -9.52
C LYS A 21 1.06 -0.77 -9.43
N ALA A 22 1.71 0.39 -9.40
CA ALA A 22 3.15 0.44 -9.32
C ALA A 22 3.64 -0.26 -8.05
N ALA A 23 3.29 0.29 -6.90
CA ALA A 23 3.69 -0.29 -5.62
C ALA A 23 3.26 -1.75 -5.54
N PHE A 24 1.97 -1.99 -5.79
CA PHE A 24 1.44 -3.35 -5.74
C PHE A 24 2.48 -4.35 -6.21
N ASP A 25 3.08 -4.07 -7.36
CA ASP A 25 4.09 -4.96 -7.93
C ASP A 25 5.32 -5.01 -7.02
N ILE A 26 5.92 -3.84 -6.78
CA ILE A 26 7.10 -3.76 -5.93
C ILE A 26 6.79 -4.27 -4.53
N PHE A 27 5.51 -4.23 -4.15
CA PHE A 27 5.10 -4.69 -2.84
C PHE A 27 4.93 -6.21 -2.84
N VAL A 28 5.11 -6.83 -4.00
CA VAL A 28 4.97 -8.27 -4.12
C VAL A 28 6.09 -8.85 -4.99
N LEU A 29 7.21 -8.14 -5.04
CA LEU A 29 8.35 -8.60 -5.84
C LEU A 29 8.96 -9.85 -5.23
N GLY A 30 8.52 -11.01 -5.70
CA GLY A 30 9.05 -12.27 -5.18
C GLY A 30 7.94 -13.10 -4.54
N ALA A 31 6.71 -12.58 -4.59
CA ALA A 31 5.58 -13.27 -4.00
C ALA A 31 5.31 -14.58 -4.74
N GLU A 32 4.43 -15.40 -4.17
CA GLU A 32 4.10 -16.69 -4.78
C GLU A 32 2.83 -16.57 -5.61
N ASP A 33 1.80 -15.94 -5.03
CA ASP A 33 0.53 -15.77 -5.71
C ASP A 33 0.36 -14.33 -6.17
N GLY A 34 0.68 -13.38 -5.28
CA GLY A 34 0.55 -11.97 -5.60
C GLY A 34 0.02 -11.19 -4.40
N CYS A 35 0.61 -11.44 -3.23
CA CYS A 35 0.19 -10.75 -2.02
C CYS A 35 1.40 -10.14 -1.31
N ILE A 36 1.19 -9.70 -0.08
CA ILE A 36 2.26 -9.10 0.71
C ILE A 36 2.34 -9.70 2.10
N SER A 37 3.54 -9.76 2.66
CA SER A 37 3.73 -10.33 3.99
C SER A 37 4.96 -9.73 4.65
N THR A 38 5.13 -8.41 4.53
CA THR A 38 6.27 -7.73 5.11
C THR A 38 7.55 -8.10 4.38
N LYS A 39 7.85 -9.40 4.33
CA LYS A 39 9.05 -9.86 3.66
C LYS A 39 9.28 -9.09 2.36
N GLU A 40 8.19 -8.80 1.65
CA GLU A 40 8.28 -8.07 0.39
C GLU A 40 8.14 -6.57 0.63
N LEU A 41 7.14 -6.20 1.43
CA LEU A 41 6.91 -4.79 1.73
C LEU A 41 8.17 -4.15 2.31
N GLY A 42 8.61 -4.66 3.46
CA GLY A 42 9.81 -4.13 4.10
C GLY A 42 10.89 -3.84 3.07
N LYS A 43 11.00 -4.69 2.06
CA LYS A 43 12.00 -4.52 1.02
C LYS A 43 11.96 -3.10 0.47
N VAL A 44 10.76 -2.55 0.37
CA VAL A 44 10.58 -1.20 -0.15
C VAL A 44 10.99 -0.17 0.90
N MET A 45 10.64 -0.44 2.15
CA MET A 45 10.98 0.47 3.24
C MET A 45 12.42 0.95 3.12
N ARG A 46 13.35 0.01 3.20
CA ARG A 46 14.77 0.35 3.09
C ARG A 46 14.99 1.43 2.04
N MET A 47 14.22 1.36 0.96
CA MET A 47 14.33 2.34 -0.11
C MET A 47 13.52 3.59 0.21
N LEU A 48 12.42 3.40 0.94
CA LEU A 48 11.56 4.51 1.31
C LEU A 48 12.25 5.41 2.33
N GLY A 49 13.41 4.96 2.82
CA GLY A 49 14.16 5.74 3.81
C GLY A 49 13.90 5.22 5.23
N GLN A 50 13.39 4.00 5.31
CA GLN A 50 13.10 3.41 6.61
C GLN A 50 13.39 1.90 6.59
N ASN A 51 12.93 1.20 7.63
CA ASN A 51 13.15 -0.23 7.73
C ASN A 51 12.45 -0.80 8.95
N PRO A 52 11.17 -1.05 8.84
CA PRO A 52 10.35 -1.61 9.96
C PRO A 52 10.65 -3.08 10.20
N THR A 53 10.40 -3.55 11.42
CA THR A 53 10.63 -4.95 11.77
C THR A 53 9.51 -5.83 11.25
N PRO A 54 9.72 -7.11 11.22
CA PRO A 54 8.71 -8.09 10.74
C PRO A 54 7.55 -8.25 11.72
N GLU A 55 7.80 -7.89 12.98
CA GLU A 55 6.77 -7.99 14.01
C GLU A 55 5.82 -6.81 13.95
N GLU A 56 6.33 -5.66 13.51
CA GLU A 56 5.52 -4.46 13.39
C GLU A 56 4.91 -4.35 12.00
N LEU A 57 5.72 -4.65 10.99
CA LEU A 57 5.27 -4.58 9.61
C LEU A 57 3.81 -5.05 9.50
N GLN A 58 3.50 -6.14 10.20
CA GLN A 58 2.14 -6.67 10.17
C GLN A 58 1.11 -5.54 10.24
N GLU A 59 1.47 -4.48 10.94
CA GLU A 59 0.57 -3.33 11.08
C GLU A 59 0.12 -2.84 9.72
N MET A 60 1.07 -2.68 8.81
CA MET A 60 0.77 -2.21 7.46
C MET A 60 -0.13 -3.21 6.74
N ILE A 61 -0.27 -4.40 7.31
CA ILE A 61 -1.11 -5.43 6.71
C ILE A 61 -2.42 -5.57 7.48
N ASP A 62 -2.33 -5.54 8.81
CA ASP A 62 -3.51 -5.65 9.65
C ASP A 62 -4.37 -4.40 9.55
N GLU A 63 -3.77 -3.33 9.05
CA GLU A 63 -4.49 -2.06 8.92
C GLU A 63 -5.55 -2.16 7.81
N VAL A 64 -5.41 -3.17 6.96
CA VAL A 64 -6.35 -3.37 5.87
C VAL A 64 -6.52 -4.85 5.56
N ASP A 65 -6.83 -5.64 6.59
CA ASP A 65 -7.01 -7.07 6.42
C ASP A 65 -8.42 -7.49 6.81
N GLU A 66 -9.35 -7.37 5.86
CA GLU A 66 -10.73 -7.74 6.11
C GLU A 66 -11.04 -9.12 5.56
N ASP A 67 -10.06 -10.02 5.66
CA ASP A 67 -10.24 -11.38 5.15
C ASP A 67 -9.67 -12.39 6.14
N GLY A 68 -8.73 -11.95 6.96
CA GLY A 68 -8.11 -12.82 7.95
C GLY A 68 -7.06 -13.72 7.30
N SER A 69 -6.65 -13.36 6.10
CA SER A 69 -5.64 -14.14 5.38
C SER A 69 -4.24 -13.81 5.90
N GLY A 70 -4.02 -12.54 6.22
CA GLY A 70 -2.72 -12.11 6.73
C GLY A 70 -1.97 -11.30 5.69
N THR A 71 -2.12 -11.68 4.42
CA THR A 71 -1.45 -10.98 3.33
C THR A 71 -2.39 -9.95 2.70
N VAL A 72 -1.80 -8.91 2.13
CA VAL A 72 -2.59 -7.86 1.49
C VAL A 72 -2.68 -8.09 -0.01
N ASP A 73 -3.77 -7.61 -0.62
CA ASP A 73 -3.96 -7.77 -2.06
C ASP A 73 -4.42 -6.46 -2.68
N PHE A 74 -4.71 -6.50 -3.98
CA PHE A 74 -5.16 -5.30 -4.69
C PHE A 74 -6.42 -4.75 -4.05
N ASP A 75 -7.09 -5.57 -3.26
CA ASP A 75 -8.32 -5.15 -2.59
C ASP A 75 -8.00 -4.47 -1.26
N GLU A 76 -7.10 -5.08 -0.50
CA GLU A 76 -6.72 -4.52 0.80
C GLU A 76 -5.71 -3.38 0.61
N PHE A 77 -4.71 -3.61 -0.23
CA PHE A 77 -3.69 -2.60 -0.48
C PHE A 77 -4.32 -1.30 -0.95
N LEU A 78 -5.02 -1.37 -2.08
CA LEU A 78 -5.69 -0.19 -2.63
C LEU A 78 -6.20 0.71 -1.51
N VAL A 79 -7.00 0.14 -0.61
CA VAL A 79 -7.55 0.90 0.50
C VAL A 79 -6.44 1.52 1.33
N MET A 80 -5.34 0.78 1.50
CA MET A 80 -4.21 1.28 2.27
C MET A 80 -3.74 2.62 1.72
N MET A 81 -4.14 2.93 0.50
CA MET A 81 -3.74 4.18 -0.14
C MET A 81 -4.78 5.27 0.15
N VAL A 82 -6.05 4.92 0.02
CA VAL A 82 -7.12 5.87 0.27
C VAL A 82 -7.07 6.40 1.70
N ARG A 83 -6.76 5.51 2.63
CA ARG A 83 -6.67 5.89 4.04
C ARG A 83 -5.60 6.96 4.23
N CYS A 84 -4.56 6.91 3.41
CA CYS A 84 -3.48 7.87 3.50
C CYS A 84 -3.50 8.82 2.31
N MET A 85 -4.70 9.25 1.92
CA MET A 85 -4.86 10.17 0.80
C MET A 85 -4.06 11.45 1.03
N LYS A 86 -4.60 12.32 1.89
CA LYS A 86 -3.94 13.58 2.20
C LYS A 86 -3.93 13.83 3.70
N ASP A 87 -2.87 14.46 4.18
CA ASP A 87 -2.76 14.74 5.61
C ASP A 87 -3.37 16.11 5.93
N ASP A 88 -4.42 16.09 6.74
CA ASP A 88 -5.09 17.32 7.13
C ASP A 88 -5.77 17.17 8.49
N SER A 89 -5.11 16.44 9.39
CA SER A 89 -5.65 16.22 10.72
C SER A 89 -5.03 17.20 11.72
N ARG B 1 1.76 3.76 9.13
CA ARG B 1 3.21 3.94 8.85
C ARG B 1 3.39 4.39 7.40
N MET B 2 4.15 5.46 7.20
CA MET B 2 4.39 5.98 5.86
C MET B 2 3.07 6.35 5.18
N SER B 3 3.00 7.56 4.64
CA SER B 3 1.80 8.01 3.96
C SER B 3 1.88 7.74 2.47
N ALA B 4 0.76 7.39 1.86
CA ALA B 4 0.72 7.11 0.43
C ALA B 4 1.51 8.16 -0.34
N ASP B 5 1.47 9.41 0.14
CA ASP B 5 2.19 10.49 -0.52
C ASP B 5 3.69 10.17 -0.60
N ALA B 6 4.22 9.63 0.49
CA ALA B 6 5.64 9.28 0.54
C ALA B 6 5.90 8.00 -0.24
N MET B 7 5.04 7.01 -0.04
CA MET B 7 5.19 5.73 -0.73
C MET B 7 5.06 5.92 -2.24
N LEU B 8 4.50 7.06 -2.64
CA LEU B 8 4.32 7.35 -4.06
C LEU B 8 5.53 8.11 -4.60
N LYS B 9 6.27 8.75 -3.70
CA LYS B 9 7.45 9.51 -4.11
C LYS B 9 8.65 8.58 -4.28
N ALA B 10 8.85 7.70 -3.31
CA ALA B 10 9.97 6.76 -3.35
C ALA B 10 9.64 5.58 -4.26
N LEU B 11 8.96 4.58 -3.70
CA LEU B 11 8.59 3.40 -4.46
C LEU B 11 8.36 3.75 -5.92
N LEU B 12 7.54 4.77 -6.16
CA LEU B 12 7.25 5.21 -7.52
C LEU B 12 7.30 6.72 -7.63
N GLY B 13 8.50 7.27 -7.54
CA GLY B 13 8.68 8.72 -7.62
C GLY B 13 8.48 9.21 -9.05
N SER B 14 8.79 8.35 -10.01
CA SER B 14 8.64 8.71 -11.42
C SER B 14 7.19 8.54 -11.86
N LYS B 15 6.79 9.32 -12.87
CA LYS B 15 5.42 9.25 -13.37
C LYS B 15 4.42 9.51 -12.25
N HIS B 16 4.80 10.38 -11.32
CA HIS B 16 3.92 10.71 -10.20
C HIS B 16 3.79 12.22 -10.05
N LYS B 17 2.55 12.68 -9.87
CA LYS B 17 2.30 14.12 -9.71
C LYS B 17 3.03 14.91 -10.79
N MET A 1 -23.03 4.45 9.74
CA MET A 1 -21.76 4.85 9.07
C MET A 1 -21.81 4.46 7.60
N ASP A 2 -20.70 4.66 6.90
CA ASP A 2 -20.63 4.32 5.48
C ASP A 2 -19.24 3.82 5.11
N ASP A 3 -18.95 3.81 3.82
CA ASP A 3 -17.64 3.36 3.34
C ASP A 3 -16.96 4.46 2.53
N ILE A 4 -16.20 5.31 3.22
CA ILE A 4 -15.50 6.40 2.54
C ILE A 4 -14.25 5.87 1.84
N TYR A 5 -13.85 4.65 2.17
CA TYR A 5 -12.68 4.05 1.56
C TYR A 5 -13.07 3.12 0.42
N LYS A 6 -14.00 2.20 0.70
CA LYS A 6 -14.46 1.26 -0.30
C LYS A 6 -15.11 2.00 -1.46
N ALA A 7 -15.65 3.17 -1.19
CA ALA A 7 -16.30 3.97 -2.22
C ALA A 7 -15.26 4.62 -3.13
N ALA A 8 -14.26 5.24 -2.52
CA ALA A 8 -13.20 5.90 -3.29
C ALA A 8 -12.53 4.90 -4.23
N VAL A 9 -12.17 3.74 -3.70
CA VAL A 9 -11.52 2.71 -4.51
C VAL A 9 -12.25 2.52 -5.83
N GLU A 10 -13.55 2.24 -5.75
CA GLU A 10 -14.36 2.03 -6.95
C GLU A 10 -14.40 3.31 -7.78
N GLN A 11 -14.26 4.45 -7.12
CA GLN A 11 -14.29 5.73 -7.82
C GLN A 11 -12.87 6.19 -8.16
N LEU A 12 -12.07 5.26 -8.68
CA LEU A 12 -10.70 5.57 -9.04
C LEU A 12 -10.52 5.54 -10.55
N THR A 13 -9.75 6.50 -11.08
CA THR A 13 -9.52 6.57 -12.51
C THR A 13 -8.17 5.95 -12.87
N GLU A 14 -8.01 5.59 -14.14
CA GLU A 14 -6.76 4.98 -14.59
C GLU A 14 -5.57 5.84 -14.19
N GLU A 15 -5.83 7.12 -13.92
CA GLU A 15 -4.77 8.03 -13.50
C GLU A 15 -4.20 7.63 -12.15
N GLN A 16 -5.08 7.22 -11.24
CA GLN A 16 -4.66 6.81 -9.91
C GLN A 16 -4.21 5.35 -9.92
N LYS A 17 -5.13 4.46 -10.31
CA LYS A 17 -4.82 3.04 -10.35
C LYS A 17 -3.43 2.81 -10.94
N ASN A 18 -3.14 3.47 -12.06
CA ASN A 18 -1.85 3.32 -12.71
C ASN A 18 -0.72 3.53 -11.71
N GLU A 19 -0.98 4.36 -10.71
CA GLU A 19 0.03 4.66 -9.69
C GLU A 19 0.06 3.55 -8.64
N PHE A 20 -1.12 3.19 -8.13
CA PHE A 20 -1.21 2.14 -7.12
C PHE A 20 -0.66 0.83 -7.66
N LYS A 21 -0.95 0.54 -8.92
CA LYS A 21 -0.48 -0.69 -9.55
C LYS A 21 1.04 -0.78 -9.48
N ALA A 22 1.70 0.38 -9.38
CA ALA A 22 3.15 0.42 -9.33
C ALA A 22 3.64 -0.27 -8.05
N ALA A 23 3.35 0.33 -6.91
CA ALA A 23 3.77 -0.24 -5.62
C ALA A 23 3.34 -1.70 -5.52
N PHE A 24 2.03 -1.92 -5.66
CA PHE A 24 1.50 -3.28 -5.58
C PHE A 24 2.47 -4.28 -6.20
N ASP A 25 3.07 -3.90 -7.31
CA ASP A 25 4.03 -4.78 -7.99
C ASP A 25 5.31 -4.91 -7.17
N ILE A 26 5.84 -3.77 -6.73
CA ILE A 26 7.06 -3.76 -5.94
C ILE A 26 6.80 -4.27 -4.53
N PHE A 27 5.53 -4.24 -4.12
CA PHE A 27 5.16 -4.71 -2.79
C PHE A 27 4.97 -6.22 -2.79
N VAL A 28 5.14 -6.83 -3.96
CA VAL A 28 4.98 -8.28 -4.07
C VAL A 28 6.10 -8.87 -4.93
N LEU A 29 7.20 -8.14 -5.04
CA LEU A 29 8.33 -8.60 -5.83
C LEU A 29 8.95 -9.86 -5.21
N GLY A 30 8.52 -11.02 -5.69
CA GLY A 30 9.05 -12.28 -5.18
C GLY A 30 7.94 -13.11 -4.53
N ALA A 31 6.71 -12.57 -4.58
CA ALA A 31 5.58 -13.27 -4.00
C ALA A 31 5.31 -14.58 -4.74
N GLU A 32 4.43 -15.41 -4.17
CA GLU A 32 4.10 -16.69 -4.78
C GLU A 32 2.83 -16.57 -5.61
N ASP A 33 1.80 -15.94 -5.02
CA ASP A 33 0.54 -15.77 -5.71
C ASP A 33 0.36 -14.32 -6.16
N GLY A 34 0.67 -13.38 -5.27
CA GLY A 34 0.56 -11.97 -5.59
C GLY A 34 0.02 -11.19 -4.39
N CYS A 35 0.61 -11.43 -3.22
CA CYS A 35 0.19 -10.75 -2.01
C CYS A 35 1.38 -10.13 -1.29
N ILE A 36 1.17 -9.69 -0.06
CA ILE A 36 2.24 -9.09 0.73
C ILE A 36 2.33 -9.74 2.10
N SER A 37 3.52 -9.73 2.68
CA SER A 37 3.72 -10.32 4.01
C SER A 37 4.95 -9.72 4.68
N THR A 38 5.12 -8.41 4.53
CA THR A 38 6.26 -7.72 5.13
C THR A 38 7.54 -8.09 4.41
N LYS A 39 7.82 -9.39 4.32
CA LYS A 39 9.03 -9.87 3.66
C LYS A 39 9.27 -9.09 2.37
N GLU A 40 8.18 -8.79 1.66
CA GLU A 40 8.29 -8.05 0.41
C GLU A 40 8.13 -6.56 0.65
N LEU A 41 7.16 -6.20 1.48
CA LEU A 41 6.90 -4.79 1.79
C LEU A 41 8.16 -4.14 2.35
N GLY A 42 8.65 -4.66 3.47
CA GLY A 42 9.85 -4.12 4.09
C GLY A 42 10.92 -3.81 3.05
N LYS A 43 11.04 -4.69 2.06
CA LYS A 43 12.04 -4.51 1.00
C LYS A 43 11.98 -3.08 0.46
N VAL A 44 10.77 -2.55 0.35
CA VAL A 44 10.58 -1.19 -0.16
C VAL A 44 10.99 -0.17 0.90
N MET A 45 10.65 -0.45 2.15
CA MET A 45 10.98 0.46 3.24
C MET A 45 12.42 0.94 3.12
N ARG A 46 13.36 0.01 3.19
CA ARG A 46 14.77 0.35 3.09
C ARG A 46 14.99 1.43 2.04
N MET A 47 14.22 1.36 0.96
CA MET A 47 14.33 2.35 -0.11
C MET A 47 13.50 3.59 0.21
N LEU A 48 12.40 3.39 0.93
CA LEU A 48 11.53 4.50 1.30
C LEU A 48 12.23 5.42 2.30
N GLY A 49 13.36 4.96 2.84
CA GLY A 49 14.11 5.74 3.81
C GLY A 49 13.87 5.24 5.22
N GLN A 50 13.39 4.00 5.33
CA GLN A 50 13.12 3.41 6.64
C GLN A 50 13.40 1.91 6.61
N ASN A 51 12.94 1.22 7.65
CA ASN A 51 13.15 -0.23 7.73
C ASN A 51 12.45 -0.80 8.95
N PRO A 52 11.17 -1.04 8.84
CA PRO A 52 10.36 -1.61 9.96
C PRO A 52 10.65 -3.08 10.20
N THR A 53 10.38 -3.55 11.41
CA THR A 53 10.62 -4.95 11.76
C THR A 53 9.49 -5.83 11.24
N PRO A 54 9.70 -7.11 11.21
CA PRO A 54 8.68 -8.09 10.73
C PRO A 54 7.54 -8.27 11.72
N GLU A 55 7.78 -7.87 12.97
CA GLU A 55 6.77 -7.99 14.01
C GLU A 55 5.81 -6.81 13.95
N GLU A 56 6.32 -5.65 13.54
CA GLU A 56 5.49 -4.46 13.44
C GLU A 56 4.89 -4.33 12.04
N LEU A 57 5.70 -4.61 11.03
CA LEU A 57 5.25 -4.53 9.65
C LEU A 57 3.81 -5.00 9.53
N GLN A 58 3.49 -6.10 10.22
CA GLN A 58 2.14 -6.65 10.19
C GLN A 58 1.10 -5.52 10.23
N GLU A 59 1.40 -4.47 10.99
CA GLU A 59 0.50 -3.34 11.11
C GLU A 59 0.09 -2.82 9.73
N MET A 60 1.07 -2.74 8.84
CA MET A 60 0.81 -2.26 7.49
C MET A 60 -0.14 -3.20 6.75
N ILE A 61 -0.25 -4.43 7.26
CA ILE A 61 -1.12 -5.42 6.65
C ILE A 61 -2.41 -5.56 7.45
N ASP A 62 -2.29 -5.51 8.77
CA ASP A 62 -3.46 -5.64 9.64
C ASP A 62 -4.33 -4.39 9.55
N GLU A 63 -3.78 -3.34 8.97
CA GLU A 63 -4.52 -2.08 8.83
C GLU A 63 -5.58 -2.20 7.74
N VAL A 64 -5.44 -3.21 6.89
CA VAL A 64 -6.40 -3.43 5.81
C VAL A 64 -6.56 -4.92 5.54
N ASP A 65 -6.86 -5.68 6.60
CA ASP A 65 -7.04 -7.12 6.46
C ASP A 65 -8.46 -7.51 6.84
N GLU A 66 -9.38 -7.38 5.88
CA GLU A 66 -10.78 -7.73 6.13
C GLU A 66 -11.10 -9.10 5.55
N ASP A 67 -10.12 -10.00 5.59
CA ASP A 67 -10.31 -11.35 5.07
C ASP A 67 -9.66 -12.37 5.98
N GLY A 68 -8.89 -11.90 6.96
CA GLY A 68 -8.21 -12.78 7.89
C GLY A 68 -7.29 -13.75 7.15
N SER A 69 -6.43 -13.21 6.32
CA SER A 69 -5.50 -14.03 5.56
C SER A 69 -4.06 -13.76 5.98
N GLY A 70 -3.78 -12.51 6.33
CA GLY A 70 -2.44 -12.13 6.77
C GLY A 70 -1.72 -11.36 5.66
N THR A 71 -2.00 -11.71 4.42
CA THR A 71 -1.37 -11.05 3.28
C THR A 71 -2.31 -10.00 2.68
N VAL A 72 -1.73 -8.99 2.05
CA VAL A 72 -2.52 -7.93 1.44
C VAL A 72 -2.66 -8.16 -0.07
N ASP A 73 -3.75 -7.67 -0.64
CA ASP A 73 -3.99 -7.81 -2.07
C ASP A 73 -4.46 -6.49 -2.68
N PHE A 74 -4.69 -6.51 -3.98
CA PHE A 74 -5.15 -5.31 -4.68
C PHE A 74 -6.40 -4.75 -4.02
N ASP A 75 -7.10 -5.60 -3.27
CA ASP A 75 -8.32 -5.17 -2.58
C ASP A 75 -7.99 -4.47 -1.27
N GLU A 76 -7.11 -5.09 -0.49
CA GLU A 76 -6.71 -4.52 0.79
C GLU A 76 -5.71 -3.39 0.59
N PHE A 77 -4.70 -3.63 -0.25
CA PHE A 77 -3.69 -2.63 -0.53
C PHE A 77 -4.34 -1.32 -0.96
N LEU A 78 -5.00 -1.34 -2.10
CA LEU A 78 -5.67 -0.14 -2.62
C LEU A 78 -6.15 0.73 -1.46
N VAL A 79 -7.01 0.17 -0.61
CA VAL A 79 -7.54 0.91 0.53
C VAL A 79 -6.41 1.53 1.33
N MET A 80 -5.34 0.79 1.51
CA MET A 80 -4.19 1.28 2.27
C MET A 80 -3.72 2.62 1.72
N MET A 81 -4.15 2.93 0.49
CA MET A 81 -3.76 4.19 -0.14
C MET A 81 -4.80 5.28 0.16
N VAL A 82 -6.07 4.94 -0.01
CA VAL A 82 -7.13 5.89 0.24
C VAL A 82 -7.07 6.40 1.68
N ARG A 83 -6.76 5.50 2.61
CA ARG A 83 -6.67 5.86 4.01
C ARG A 83 -5.60 6.94 4.22
N CYS A 84 -4.56 6.90 3.40
CA CYS A 84 -3.48 7.87 3.51
C CYS A 84 -3.50 8.82 2.31
N MET A 85 -4.70 9.24 1.92
CA MET A 85 -4.85 10.16 0.79
C MET A 85 -4.04 11.43 1.03
N LYS A 86 -4.57 12.30 1.89
CA LYS A 86 -3.89 13.55 2.19
C LYS A 86 -3.90 13.82 3.70
N ASP A 87 -2.84 14.43 4.20
CA ASP A 87 -2.74 14.74 5.62
C ASP A 87 -3.37 16.09 5.92
N ASP A 88 -4.40 16.09 6.75
CA ASP A 88 -5.09 17.33 7.12
C ASP A 88 -5.76 17.19 8.48
N SER A 89 -5.13 16.45 9.38
CA SER A 89 -5.67 16.24 10.72
C SER A 89 -5.05 17.22 11.71
N ARG B 1 5.08 4.51 9.91
CA ARG B 1 4.13 5.41 9.20
C ARG B 1 4.74 5.84 7.87
N MET B 2 3.96 5.74 6.80
CA MET B 2 4.44 6.12 5.47
C MET B 2 3.28 6.60 4.60
N SER B 3 3.08 7.91 4.55
CA SER B 3 2.01 8.48 3.74
C SER B 3 2.19 8.12 2.27
N ALA B 4 1.08 7.84 1.58
CA ALA B 4 1.14 7.50 0.17
C ALA B 4 1.98 8.51 -0.60
N ASP B 5 1.95 9.76 -0.15
CA ASP B 5 2.71 10.82 -0.81
C ASP B 5 4.20 10.48 -0.82
N ALA B 6 4.70 9.99 0.31
CA ALA B 6 6.11 9.63 0.42
C ALA B 6 6.39 8.34 -0.35
N MET B 7 5.61 7.30 -0.06
CA MET B 7 5.78 6.02 -0.73
C MET B 7 5.67 6.19 -2.25
N LEU B 8 5.04 7.29 -2.68
CA LEU B 8 4.88 7.56 -4.10
C LEU B 8 6.10 8.28 -4.65
N LYS B 9 6.81 8.99 -3.77
CA LYS B 9 7.99 9.73 -4.20
C LYS B 9 9.19 8.79 -4.30
N ALA B 10 9.37 7.95 -3.29
CA ALA B 10 10.49 7.01 -3.29
C ALA B 10 10.20 5.83 -4.21
N LEU B 11 9.48 4.84 -3.69
CA LEU B 11 9.15 3.66 -4.48
C LEU B 11 9.03 4.02 -5.96
N LEU B 12 8.27 5.07 -6.26
CA LEU B 12 8.09 5.50 -7.64
C LEU B 12 8.27 7.02 -7.75
N GLY B 13 9.51 7.45 -7.77
CA GLY B 13 9.81 8.89 -7.87
C GLY B 13 9.69 9.36 -9.32
N SER B 14 10.15 10.58 -9.58
CA SER B 14 10.09 11.14 -10.92
C SER B 14 8.66 11.11 -11.45
N LYS B 15 8.16 9.90 -11.70
CA LYS B 15 6.80 9.74 -12.21
C LYS B 15 5.79 9.79 -11.08
N HIS B 16 4.76 10.62 -11.24
CA HIS B 16 3.74 10.75 -10.22
C HIS B 16 2.51 11.46 -10.79
N LYS B 17 1.95 12.38 -10.02
CA LYS B 17 0.78 13.13 -10.45
C LYS B 17 1.19 14.42 -11.13
N MET A 1 -23.03 4.45 9.74
CA MET A 1 -21.76 4.85 9.07
C MET A 1 -21.81 4.46 7.60
N ASP A 2 -20.70 4.66 6.90
CA ASP A 2 -20.63 4.32 5.48
C ASP A 2 -19.24 3.83 5.10
N ASP A 3 -18.95 3.81 3.80
CA ASP A 3 -17.65 3.36 3.33
C ASP A 3 -16.97 4.46 2.52
N ILE A 4 -16.20 5.31 3.20
CA ILE A 4 -15.50 6.40 2.54
C ILE A 4 -14.25 5.89 1.85
N TYR A 5 -13.85 4.66 2.17
CA TYR A 5 -12.67 4.06 1.57
C TYR A 5 -13.06 3.12 0.44
N LYS A 6 -14.01 2.22 0.73
CA LYS A 6 -14.46 1.27 -0.27
C LYS A 6 -15.12 1.99 -1.44
N ALA A 7 -15.65 3.18 -1.18
CA ALA A 7 -16.30 3.96 -2.22
C ALA A 7 -15.26 4.62 -3.13
N ALA A 8 -14.25 5.23 -2.52
CA ALA A 8 -13.20 5.89 -3.27
C ALA A 8 -12.53 4.92 -4.24
N VAL A 9 -12.15 3.74 -3.71
CA VAL A 9 -11.51 2.73 -4.53
C VAL A 9 -12.26 2.54 -5.85
N GLU A 10 -13.55 2.25 -5.74
CA GLU A 10 -14.37 2.04 -6.93
C GLU A 10 -14.41 3.30 -7.78
N GLN A 11 -14.26 4.45 -7.13
CA GLN A 11 -14.28 5.74 -7.84
C GLN A 11 -12.86 6.18 -8.17
N LEU A 12 -12.05 5.25 -8.67
CA LEU A 12 -10.67 5.57 -9.03
C LEU A 12 -10.49 5.50 -10.53
N THR A 13 -9.79 6.50 -11.08
CA THR A 13 -9.54 6.54 -12.52
C THR A 13 -8.19 5.90 -12.85
N GLU A 14 -8.00 5.58 -14.13
CA GLU A 14 -6.75 4.98 -14.57
C GLU A 14 -5.56 5.84 -14.14
N GLU A 15 -5.81 7.12 -13.91
CA GLU A 15 -4.76 8.04 -13.50
C GLU A 15 -4.20 7.64 -12.14
N GLN A 16 -5.09 7.22 -11.24
CA GLN A 16 -4.66 6.81 -9.90
C GLN A 16 -4.22 5.36 -9.90
N LYS A 17 -5.12 4.46 -10.29
CA LYS A 17 -4.80 3.04 -10.33
C LYS A 17 -3.42 2.81 -10.92
N ASN A 18 -3.15 3.47 -12.05
CA ASN A 18 -1.86 3.33 -12.72
C ASN A 18 -0.72 3.54 -11.72
N GLU A 19 -0.97 4.38 -10.71
CA GLU A 19 0.04 4.66 -9.70
C GLU A 19 0.08 3.55 -8.65
N PHE A 20 -1.08 3.20 -8.13
CA PHE A 20 -1.17 2.14 -7.13
C PHE A 20 -0.58 0.83 -7.67
N LYS A 21 -0.95 0.49 -8.90
CA LYS A 21 -0.46 -0.72 -9.52
C LYS A 21 1.06 -0.79 -9.45
N ALA A 22 1.70 0.37 -9.39
CA ALA A 22 3.15 0.44 -9.32
C ALA A 22 3.66 -0.26 -8.05
N ALA A 23 3.35 0.33 -6.90
CA ALA A 23 3.77 -0.24 -5.62
C ALA A 23 3.32 -1.68 -5.51
N PHE A 24 2.02 -1.91 -5.69
CA PHE A 24 1.47 -3.27 -5.60
C PHE A 24 2.43 -4.27 -6.21
N ASP A 25 3.07 -3.88 -7.32
CA ASP A 25 4.01 -4.77 -7.99
C ASP A 25 5.30 -4.90 -7.18
N ILE A 26 5.83 -3.77 -6.73
CA ILE A 26 7.06 -3.77 -5.94
C ILE A 26 6.79 -4.30 -4.53
N PHE A 27 5.53 -4.26 -4.12
CA PHE A 27 5.14 -4.72 -2.80
C PHE A 27 4.97 -6.24 -2.79
N VAL A 28 5.13 -6.85 -3.96
CA VAL A 28 4.97 -8.30 -4.08
C VAL A 28 6.10 -8.88 -4.93
N LEU A 29 7.20 -8.14 -5.04
CA LEU A 29 8.33 -8.60 -5.83
C LEU A 29 8.95 -9.86 -5.22
N GLY A 30 8.53 -11.02 -5.70
CA GLY A 30 9.05 -12.28 -5.19
C GLY A 30 7.94 -13.11 -4.53
N ALA A 31 6.72 -12.59 -4.59
CA ALA A 31 5.58 -13.27 -4.00
C ALA A 31 5.31 -14.59 -4.74
N GLU A 32 4.44 -15.41 -4.17
CA GLU A 32 4.10 -16.69 -4.78
C GLU A 32 2.83 -16.58 -5.60
N ASP A 33 1.81 -15.94 -5.03
CA ASP A 33 0.54 -15.77 -5.71
C ASP A 33 0.36 -14.32 -6.16
N GLY A 34 0.67 -13.38 -5.27
CA GLY A 34 0.55 -11.97 -5.59
C GLY A 34 0.02 -11.18 -4.40
N CYS A 35 0.60 -11.44 -3.23
CA CYS A 35 0.19 -10.74 -2.02
C CYS A 35 1.39 -10.14 -1.30
N ILE A 36 1.19 -9.70 -0.07
CA ILE A 36 2.27 -9.10 0.71
C ILE A 36 2.34 -9.75 2.10
N SER A 37 3.54 -9.74 2.68
CA SER A 37 3.74 -10.32 4.00
C SER A 37 4.97 -9.73 4.68
N THR A 38 5.12 -8.42 4.55
CA THR A 38 6.26 -7.73 5.15
C THR A 38 7.55 -8.10 4.43
N LYS A 39 7.83 -9.39 4.34
CA LYS A 39 9.03 -9.87 3.67
C LYS A 39 9.27 -9.10 2.38
N GLU A 40 8.19 -8.79 1.68
CA GLU A 40 8.29 -8.05 0.42
C GLU A 40 8.10 -6.56 0.66
N LEU A 41 7.14 -6.22 1.53
CA LEU A 41 6.87 -4.83 1.85
C LEU A 41 8.12 -4.14 2.38
N GLY A 42 8.64 -4.66 3.49
CA GLY A 42 9.84 -4.08 4.10
C GLY A 42 10.90 -3.79 3.04
N LYS A 43 11.03 -4.70 2.08
CA LYS A 43 12.01 -4.52 1.01
C LYS A 43 11.96 -3.09 0.47
N VAL A 44 10.75 -2.55 0.36
CA VAL A 44 10.58 -1.20 -0.15
C VAL A 44 10.99 -0.17 0.90
N MET A 45 10.63 -0.44 2.15
CA MET A 45 10.96 0.46 3.25
C MET A 45 12.41 0.94 3.13
N ARG A 46 13.34 0.00 3.20
CA ARG A 46 14.76 0.35 3.09
C ARG A 46 14.97 1.43 2.04
N MET A 47 14.21 1.35 0.96
CA MET A 47 14.33 2.33 -0.12
C MET A 47 13.50 3.58 0.20
N LEU A 48 12.42 3.38 0.93
CA LEU A 48 11.55 4.50 1.30
C LEU A 48 12.24 5.41 2.31
N GLY A 49 13.38 4.95 2.83
CA GLY A 49 14.14 5.73 3.80
C GLY A 49 13.88 5.22 5.21
N GLN A 50 13.38 4.00 5.32
CA GLN A 50 13.10 3.41 6.63
C GLN A 50 13.42 1.92 6.62
N ASN A 51 12.93 1.22 7.64
CA ASN A 51 13.16 -0.23 7.73
C ASN A 51 12.46 -0.79 8.96
N PRO A 52 11.18 -1.04 8.84
CA PRO A 52 10.36 -1.60 9.96
C PRO A 52 10.65 -3.08 10.20
N THR A 53 10.39 -3.55 11.41
CA THR A 53 10.62 -4.95 11.76
C THR A 53 9.49 -5.83 11.24
N PRO A 54 9.71 -7.11 11.20
CA PRO A 54 8.70 -8.09 10.73
C PRO A 54 7.55 -8.27 11.72
N GLU A 55 7.80 -7.88 12.97
CA GLU A 55 6.79 -8.00 14.01
C GLU A 55 5.82 -6.82 13.96
N GLU A 56 6.34 -5.67 13.53
CA GLU A 56 5.51 -4.47 13.44
C GLU A 56 4.92 -4.32 12.05
N LEU A 57 5.72 -4.63 11.03
CA LEU A 57 5.26 -4.53 9.65
C LEU A 57 3.82 -5.01 9.54
N GLN A 58 3.50 -6.10 10.22
CA GLN A 58 2.15 -6.65 10.19
C GLN A 58 1.11 -5.53 10.24
N GLU A 59 1.43 -4.47 10.99
CA GLU A 59 0.52 -3.34 11.11
C GLU A 59 0.10 -2.83 9.74
N MET A 60 1.08 -2.70 8.85
CA MET A 60 0.80 -2.22 7.50
C MET A 60 -0.14 -3.19 6.76
N ILE A 61 -0.27 -4.39 7.30
CA ILE A 61 -1.14 -5.40 6.69
C ILE A 61 -2.45 -5.52 7.47
N ASP A 62 -2.34 -5.54 8.80
CA ASP A 62 -3.52 -5.65 9.66
C ASP A 62 -4.37 -4.40 9.55
N GLU A 63 -3.80 -3.34 9.00
CA GLU A 63 -4.52 -2.09 8.84
C GLU A 63 -5.58 -2.20 7.75
N VAL A 64 -5.44 -3.21 6.90
CA VAL A 64 -6.38 -3.42 5.82
C VAL A 64 -6.56 -4.91 5.54
N ASP A 65 -6.83 -5.68 6.59
CA ASP A 65 -7.01 -7.12 6.46
C ASP A 65 -8.44 -7.51 6.84
N GLU A 66 -9.35 -7.40 5.89
CA GLU A 66 -10.74 -7.74 6.13
C GLU A 66 -11.06 -9.14 5.59
N ASP A 67 -10.08 -10.02 5.63
CA ASP A 67 -10.25 -11.39 5.14
C ASP A 67 -9.69 -12.40 6.13
N GLY A 68 -8.75 -11.94 6.96
CA GLY A 68 -8.14 -12.82 7.95
C GLY A 68 -7.09 -13.72 7.30
N SER A 69 -6.62 -13.32 6.13
CA SER A 69 -5.61 -14.10 5.41
C SER A 69 -4.21 -13.76 5.92
N GLY A 70 -3.98 -12.50 6.22
CA GLY A 70 -2.68 -12.06 6.72
C GLY A 70 -1.93 -11.26 5.65
N THR A 71 -2.12 -11.64 4.39
CA THR A 71 -1.46 -10.96 3.30
C THR A 71 -2.39 -9.94 2.65
N VAL A 72 -1.82 -8.89 2.09
CA VAL A 72 -2.61 -7.85 1.45
C VAL A 72 -2.73 -8.11 -0.05
N ASP A 73 -3.79 -7.59 -0.66
CA ASP A 73 -4.01 -7.78 -2.08
C ASP A 73 -4.50 -6.49 -2.73
N PHE A 74 -4.69 -6.53 -4.05
CA PHE A 74 -5.16 -5.36 -4.78
C PHE A 74 -6.42 -4.79 -4.13
N ASP A 75 -7.04 -5.58 -3.26
CA ASP A 75 -8.27 -5.16 -2.59
C ASP A 75 -7.92 -4.42 -1.29
N GLU A 76 -7.08 -5.04 -0.48
CA GLU A 76 -6.68 -4.43 0.79
C GLU A 76 -5.66 -3.33 0.56
N PHE A 77 -4.66 -3.63 -0.27
CA PHE A 77 -3.62 -2.65 -0.57
C PHE A 77 -4.23 -1.33 -1.03
N LEU A 78 -5.06 -1.40 -2.07
CA LEU A 78 -5.70 -0.20 -2.60
C LEU A 78 -6.17 0.70 -1.46
N VAL A 79 -7.06 0.18 -0.62
CA VAL A 79 -7.58 0.95 0.49
C VAL A 79 -6.44 1.55 1.30
N MET A 80 -5.36 0.78 1.48
CA MET A 80 -4.22 1.25 2.24
C MET A 80 -3.75 2.60 1.71
N MET A 81 -4.13 2.92 0.48
CA MET A 81 -3.73 4.19 -0.13
C MET A 81 -4.77 5.27 0.17
N VAL A 82 -6.04 4.91 0.01
CA VAL A 82 -7.12 5.86 0.27
C VAL A 82 -7.05 6.39 1.70
N ARG A 83 -6.76 5.49 2.64
CA ARG A 83 -6.67 5.86 4.04
C ARG A 83 -5.60 6.93 4.24
N CYS A 84 -4.57 6.89 3.40
CA CYS A 84 -3.48 7.85 3.49
C CYS A 84 -3.51 8.80 2.29
N MET A 85 -4.70 9.25 1.92
CA MET A 85 -4.85 10.16 0.80
C MET A 85 -4.05 11.44 1.03
N LYS A 86 -4.56 12.31 1.91
CA LYS A 86 -3.89 13.56 2.21
C LYS A 86 -3.91 13.83 3.70
N ASP A 87 -2.83 14.43 4.21
CA ASP A 87 -2.74 14.75 5.62
C ASP A 87 -3.37 16.10 5.92
N ASP A 88 -4.40 16.10 6.77
CA ASP A 88 -5.09 17.33 7.12
C ASP A 88 -5.77 17.19 8.48
N SER A 89 -5.12 16.44 9.38
CA SER A 89 -5.67 16.23 10.72
C SER A 89 -5.04 17.21 11.71
N ARG B 1 5.05 5.99 10.59
CA ARG B 1 4.01 5.65 9.58
C ARG B 1 4.42 6.20 8.23
N MET B 2 4.35 5.36 7.20
CA MET B 2 4.73 5.78 5.85
C MET B 2 3.52 6.35 5.11
N SER B 3 3.56 7.65 4.82
CA SER B 3 2.46 8.29 4.11
C SER B 3 2.44 7.89 2.65
N ALA B 4 1.25 7.64 2.12
CA ALA B 4 1.11 7.23 0.72
C ALA B 4 1.98 8.10 -0.18
N ASP B 5 2.05 9.40 0.15
CA ASP B 5 2.84 10.33 -0.64
C ASP B 5 4.31 9.92 -0.62
N ALA B 6 4.81 9.56 0.55
CA ALA B 6 6.20 9.16 0.70
C ALA B 6 6.48 7.91 -0.12
N MET B 7 5.69 6.87 0.13
CA MET B 7 5.86 5.61 -0.59
C MET B 7 5.76 5.83 -2.10
N LEU B 8 5.00 6.85 -2.49
CA LEU B 8 4.84 7.17 -3.91
C LEU B 8 6.07 7.88 -4.45
N LYS B 9 6.76 8.59 -3.57
CA LYS B 9 7.96 9.31 -3.98
C LYS B 9 9.11 8.35 -4.22
N ALA B 10 9.26 7.37 -3.35
CA ALA B 10 10.33 6.38 -3.49
C ALA B 10 9.91 5.27 -4.45
N LEU B 11 9.04 4.39 -3.98
CA LEU B 11 8.56 3.29 -4.82
C LEU B 11 8.26 3.78 -6.23
N LEU B 12 7.58 4.91 -6.33
CA LEU B 12 7.24 5.48 -7.63
C LEU B 12 8.09 6.71 -7.92
N GLY B 13 9.26 6.77 -7.29
CA GLY B 13 10.16 7.90 -7.50
C GLY B 13 10.54 8.04 -8.97
N SER B 14 10.64 6.90 -9.66
CA SER B 14 10.99 6.92 -11.08
C SER B 14 9.92 7.64 -11.89
N LYS B 15 8.67 7.38 -11.58
CA LYS B 15 7.56 8.01 -12.29
C LYS B 15 6.54 8.57 -11.31
N HIS B 16 6.18 9.85 -11.49
CA HIS B 16 5.22 10.49 -10.60
C HIS B 16 4.36 11.47 -11.39
N LYS B 17 3.22 11.85 -10.81
CA LYS B 17 2.31 12.79 -11.47
C LYS B 17 3.09 13.96 -12.06
N MET A 1 -23.02 4.45 9.73
CA MET A 1 -21.75 4.85 9.07
C MET A 1 -21.80 4.46 7.59
N ASP A 2 -20.69 4.65 6.89
CA ASP A 2 -20.63 4.31 5.47
C ASP A 2 -19.23 3.83 5.11
N ASP A 3 -18.95 3.79 3.81
CA ASP A 3 -17.65 3.36 3.33
C ASP A 3 -16.97 4.45 2.52
N ILE A 4 -16.20 5.30 3.20
CA ILE A 4 -15.49 6.39 2.54
C ILE A 4 -14.24 5.87 1.84
N TYR A 5 -13.85 4.65 2.16
CA TYR A 5 -12.66 4.05 1.56
C TYR A 5 -13.05 3.10 0.43
N LYS A 6 -14.01 2.22 0.71
CA LYS A 6 -14.46 1.27 -0.30
C LYS A 6 -15.12 2.00 -1.47
N ALA A 7 -15.65 3.18 -1.20
CA ALA A 7 -16.31 3.97 -2.24
C ALA A 7 -15.27 4.63 -3.13
N ALA A 8 -14.26 5.23 -2.52
CA ALA A 8 -13.21 5.90 -3.28
C ALA A 8 -12.53 4.92 -4.24
N VAL A 9 -12.19 3.74 -3.71
CA VAL A 9 -11.53 2.72 -4.53
C VAL A 9 -12.26 2.54 -5.85
N GLU A 10 -13.54 2.21 -5.77
CA GLU A 10 -14.35 2.00 -6.98
C GLU A 10 -14.39 3.29 -7.81
N GLN A 11 -14.24 4.42 -7.14
CA GLN A 11 -14.28 5.71 -7.82
C GLN A 11 -12.86 6.16 -8.17
N LEU A 12 -12.05 5.24 -8.66
CA LEU A 12 -10.68 5.54 -9.04
C LEU A 12 -10.52 5.53 -10.55
N THR A 13 -9.73 6.47 -11.06
CA THR A 13 -9.50 6.57 -12.50
C THR A 13 -8.15 5.95 -12.88
N GLU A 14 -8.00 5.58 -14.14
CA GLU A 14 -6.76 4.98 -14.61
C GLU A 14 -5.57 5.85 -14.21
N GLU A 15 -5.83 7.11 -13.90
CA GLU A 15 -4.76 8.03 -13.51
C GLU A 15 -4.21 7.64 -12.14
N GLN A 16 -5.09 7.22 -11.25
CA GLN A 16 -4.67 6.81 -9.90
C GLN A 16 -4.23 5.36 -9.90
N LYS A 17 -5.12 4.46 -10.29
CA LYS A 17 -4.80 3.04 -10.33
C LYS A 17 -3.42 2.81 -10.92
N ASN A 18 -3.16 3.47 -12.05
CA ASN A 18 -1.86 3.33 -12.72
C ASN A 18 -0.73 3.55 -11.72
N GLU A 19 -0.99 4.37 -10.70
CA GLU A 19 0.03 4.66 -9.69
C GLU A 19 0.07 3.55 -8.65
N PHE A 20 -1.10 3.18 -8.13
CA PHE A 20 -1.18 2.13 -7.12
C PHE A 20 -0.61 0.83 -7.66
N LYS A 21 -0.95 0.50 -8.90
CA LYS A 21 -0.46 -0.72 -9.52
C LYS A 21 1.06 -0.79 -9.45
N ALA A 22 1.70 0.37 -9.39
CA ALA A 22 3.15 0.44 -9.32
C ALA A 22 3.65 -0.26 -8.06
N ALA A 23 3.34 0.33 -6.90
CA ALA A 23 3.77 -0.24 -5.62
C ALA A 23 3.32 -1.68 -5.51
N PHE A 24 2.02 -1.91 -5.70
CA PHE A 24 1.48 -3.26 -5.60
C PHE A 24 2.45 -4.27 -6.21
N ASP A 25 3.08 -3.88 -7.31
CA ASP A 25 4.03 -4.76 -7.98
C ASP A 25 5.31 -4.90 -7.16
N ILE A 26 5.85 -3.76 -6.72
CA ILE A 26 7.07 -3.76 -5.94
C ILE A 26 6.80 -4.27 -4.52
N PHE A 27 5.53 -4.25 -4.12
CA PHE A 27 5.15 -4.70 -2.80
C PHE A 27 4.96 -6.22 -2.79
N VAL A 28 5.15 -6.84 -3.94
CA VAL A 28 5.00 -8.28 -4.06
C VAL A 28 6.10 -8.88 -4.94
N LEU A 29 7.22 -8.16 -5.03
CA LEU A 29 8.35 -8.62 -5.83
C LEU A 29 8.96 -9.88 -5.22
N GLY A 30 8.53 -11.04 -5.72
CA GLY A 30 9.04 -12.31 -5.22
C GLY A 30 7.92 -13.13 -4.58
N ALA A 31 6.71 -12.59 -4.59
CA ALA A 31 5.57 -13.28 -4.00
C ALA A 31 5.30 -14.59 -4.74
N GLU A 32 4.43 -15.42 -4.17
CA GLU A 32 4.10 -16.70 -4.78
C GLU A 32 2.83 -16.59 -5.60
N ASP A 33 1.81 -15.94 -5.03
CA ASP A 33 0.54 -15.77 -5.71
C ASP A 33 0.36 -14.32 -6.16
N GLY A 34 0.69 -13.39 -5.27
CA GLY A 34 0.56 -11.97 -5.59
C GLY A 34 0.03 -11.19 -4.39
N CYS A 35 0.61 -11.43 -3.22
CA CYS A 35 0.19 -10.74 -2.02
C CYS A 35 1.38 -10.13 -1.29
N ILE A 36 1.15 -9.69 -0.05
CA ILE A 36 2.22 -9.09 0.74
C ILE A 36 2.32 -9.77 2.10
N SER A 37 3.52 -9.72 2.69
CA SER A 37 3.73 -10.33 4.00
C SER A 37 4.96 -9.73 4.67
N THR A 38 5.13 -8.42 4.54
CA THR A 38 6.27 -7.75 5.14
C THR A 38 7.56 -8.10 4.41
N LYS A 39 7.85 -9.40 4.34
CA LYS A 39 9.05 -9.87 3.66
C LYS A 39 9.27 -9.10 2.37
N GLU A 40 8.19 -8.78 1.67
CA GLU A 40 8.28 -8.05 0.42
C GLU A 40 8.09 -6.55 0.67
N LEU A 41 7.12 -6.21 1.51
CA LEU A 41 6.86 -4.81 1.81
C LEU A 41 8.11 -4.13 2.36
N GLY A 42 8.63 -4.67 3.47
CA GLY A 42 9.83 -4.11 4.09
C GLY A 42 10.88 -3.81 3.03
N LYS A 43 11.03 -4.71 2.08
CA LYS A 43 12.02 -4.53 1.01
C LYS A 43 11.97 -3.10 0.46
N VAL A 44 10.75 -2.56 0.36
CA VAL A 44 10.57 -1.21 -0.15
C VAL A 44 10.98 -0.19 0.91
N MET A 45 10.63 -0.45 2.16
CA MET A 45 10.96 0.45 3.25
C MET A 45 12.40 0.94 3.12
N ARG A 46 13.34 0.00 3.20
CA ARG A 46 14.76 0.34 3.09
C ARG A 46 14.97 1.43 2.05
N MET A 47 14.22 1.35 0.95
CA MET A 47 14.33 2.34 -0.11
C MET A 47 13.51 3.59 0.22
N LEU A 48 12.40 3.38 0.94
CA LEU A 48 11.54 4.49 1.31
C LEU A 48 12.24 5.41 2.31
N GLY A 49 13.38 4.94 2.83
CA GLY A 49 14.13 5.73 3.80
C GLY A 49 13.90 5.23 5.22
N GLN A 50 13.39 4.00 5.32
CA GLN A 50 13.12 3.41 6.63
C GLN A 50 13.41 1.91 6.60
N ASN A 51 12.94 1.21 7.63
CA ASN A 51 13.16 -0.23 7.72
C ASN A 51 12.45 -0.81 8.95
N PRO A 52 11.18 -1.06 8.83
CA PRO A 52 10.36 -1.61 9.95
C PRO A 52 10.66 -3.10 10.19
N THR A 53 10.37 -3.56 11.40
CA THR A 53 10.62 -4.95 11.76
C THR A 53 9.49 -5.84 11.25
N PRO A 54 9.71 -7.12 11.22
CA PRO A 54 8.69 -8.11 10.74
C PRO A 54 7.55 -8.29 11.73
N GLU A 55 7.79 -7.87 12.98
CA GLU A 55 6.77 -7.99 14.02
C GLU A 55 5.81 -6.81 13.95
N GLU A 56 6.31 -5.66 13.53
CA GLU A 56 5.48 -4.46 13.43
C GLU A 56 4.89 -4.34 12.03
N LEU A 57 5.71 -4.62 11.02
CA LEU A 57 5.25 -4.54 9.64
C LEU A 57 3.80 -5.02 9.52
N GLN A 58 3.49 -6.10 10.22
CA GLN A 58 2.13 -6.65 10.18
C GLN A 58 1.10 -5.52 10.23
N GLU A 59 1.41 -4.47 10.99
CA GLU A 59 0.50 -3.34 11.12
C GLU A 59 0.09 -2.83 9.74
N MET A 60 1.07 -2.70 8.85
CA MET A 60 0.80 -2.22 7.50
C MET A 60 -0.14 -3.18 6.76
N ILE A 61 -0.27 -4.40 7.30
CA ILE A 61 -1.14 -5.39 6.68
C ILE A 61 -2.43 -5.53 7.47
N ASP A 62 -2.32 -5.50 8.80
CA ASP A 62 -3.50 -5.62 9.66
C ASP A 62 -4.38 -4.37 9.54
N GLU A 63 -3.80 -3.30 9.01
CA GLU A 63 -4.53 -2.05 8.85
C GLU A 63 -5.60 -2.19 7.78
N VAL A 64 -5.43 -3.18 6.90
CA VAL A 64 -6.39 -3.41 5.82
C VAL A 64 -6.49 -4.90 5.51
N ASP A 65 -6.85 -5.69 6.52
CA ASP A 65 -6.99 -7.13 6.34
C ASP A 65 -8.40 -7.59 6.70
N GLU A 66 -9.37 -7.19 5.90
CA GLU A 66 -10.76 -7.56 6.15
C GLU A 66 -10.97 -9.04 5.85
N ASP A 67 -9.88 -9.78 5.72
CA ASP A 67 -9.96 -11.21 5.42
C ASP A 67 -8.86 -11.97 6.15
N GLY A 68 -9.20 -12.54 7.30
CA GLY A 68 -8.23 -13.29 8.09
C GLY A 68 -7.29 -14.09 7.19
N SER A 69 -6.50 -13.38 6.39
CA SER A 69 -5.57 -14.02 5.47
C SER A 69 -4.13 -13.76 5.91
N GLY A 70 -3.85 -12.51 6.29
CA GLY A 70 -2.52 -12.14 6.73
C GLY A 70 -1.78 -11.37 5.65
N THR A 71 -2.03 -11.73 4.39
CA THR A 71 -1.39 -11.05 3.27
C THR A 71 -2.33 -10.02 2.66
N VAL A 72 -1.74 -8.99 2.04
CA VAL A 72 -2.53 -7.93 1.44
C VAL A 72 -2.68 -8.17 -0.07
N ASP A 73 -3.75 -7.65 -0.64
CA ASP A 73 -4.00 -7.80 -2.07
C ASP A 73 -4.47 -6.50 -2.69
N PHE A 74 -4.70 -6.50 -4.00
CA PHE A 74 -5.15 -5.31 -4.69
C PHE A 74 -6.41 -4.75 -4.03
N ASP A 75 -7.09 -5.60 -3.26
CA ASP A 75 -8.30 -5.17 -2.57
C ASP A 75 -7.96 -4.44 -1.27
N GLU A 76 -7.09 -5.05 -0.48
CA GLU A 76 -6.68 -4.45 0.79
C GLU A 76 -5.64 -3.36 0.55
N PHE A 77 -4.66 -3.65 -0.31
CA PHE A 77 -3.61 -2.68 -0.61
C PHE A 77 -4.22 -1.36 -1.04
N LEU A 78 -5.03 -1.39 -2.09
CA LEU A 78 -5.67 -0.18 -2.60
C LEU A 78 -6.14 0.70 -1.44
N VAL A 79 -7.03 0.17 -0.61
CA VAL A 79 -7.55 0.92 0.52
C VAL A 79 -6.41 1.55 1.31
N MET A 80 -5.36 0.78 1.55
CA MET A 80 -4.20 1.27 2.29
C MET A 80 -3.74 2.61 1.72
N MET A 81 -4.16 2.91 0.50
CA MET A 81 -3.78 4.16 -0.14
C MET A 81 -4.81 5.25 0.15
N VAL A 82 -6.09 4.92 -0.01
CA VAL A 82 -7.15 5.87 0.24
C VAL A 82 -7.09 6.38 1.68
N ARG A 83 -6.76 5.49 2.60
CA ARG A 83 -6.67 5.86 4.01
C ARG A 83 -5.60 6.93 4.20
N CYS A 84 -4.56 6.88 3.38
CA CYS A 84 -3.48 7.86 3.48
C CYS A 84 -3.50 8.80 2.28
N MET A 85 -4.70 9.26 1.91
CA MET A 85 -4.85 10.17 0.78
C MET A 85 -4.06 11.45 1.02
N LYS A 86 -4.58 12.32 1.88
CA LYS A 86 -3.91 13.57 2.18
C LYS A 86 -3.92 13.83 3.68
N ASP A 87 -2.85 14.45 4.18
CA ASP A 87 -2.74 14.74 5.61
C ASP A 87 -3.38 16.10 5.91
N ASP A 88 -4.41 16.09 6.75
CA ASP A 88 -5.09 17.33 7.11
C ASP A 88 -5.76 17.19 8.48
N SER A 89 -5.12 16.44 9.37
CA SER A 89 -5.67 16.24 10.71
C SER A 89 -5.05 17.22 11.70
N ARG B 1 5.04 6.41 10.44
CA ARG B 1 4.07 5.95 9.40
C ARG B 1 4.50 6.49 8.04
N MET B 2 4.35 5.66 7.01
CA MET B 2 4.72 6.07 5.66
C MET B 2 3.51 6.62 4.91
N SER B 3 3.47 7.94 4.73
CA SER B 3 2.37 8.58 4.04
C SER B 3 2.33 8.14 2.58
N ALA B 4 1.12 7.87 2.08
CA ALA B 4 0.95 7.45 0.70
C ALA B 4 1.72 8.37 -0.24
N ASP B 5 1.81 9.64 0.13
CA ASP B 5 2.52 10.62 -0.69
C ASP B 5 4.02 10.31 -0.72
N ALA B 6 4.56 9.95 0.44
CA ALA B 6 5.98 9.63 0.53
C ALA B 6 6.29 8.34 -0.22
N MET B 7 5.54 7.29 0.07
CA MET B 7 5.74 6.00 -0.58
C MET B 7 5.69 6.16 -2.09
N LEU B 8 5.01 7.22 -2.55
CA LEU B 8 4.89 7.47 -3.98
C LEU B 8 6.12 8.19 -4.50
N LYS B 9 6.85 8.84 -3.60
CA LYS B 9 8.05 9.58 -3.98
C LYS B 9 9.21 8.61 -4.21
N ALA B 10 9.37 7.67 -3.28
CA ALA B 10 10.45 6.70 -3.38
C ALA B 10 10.05 5.54 -4.29
N LEU B 11 9.28 4.61 -3.75
CA LEU B 11 8.82 3.46 -4.52
C LEU B 11 8.66 3.84 -5.99
N LEU B 12 7.95 4.93 -6.23
CA LEU B 12 7.71 5.39 -7.60
C LEU B 12 7.84 6.91 -7.68
N GLY B 13 9.06 7.41 -7.58
CA GLY B 13 9.30 8.85 -7.64
C GLY B 13 9.41 9.32 -9.09
N SER B 14 9.85 8.43 -9.96
CA SER B 14 10.00 8.76 -11.38
C SER B 14 8.63 8.90 -12.03
N LYS B 15 7.71 8.02 -11.67
CA LYS B 15 6.36 8.06 -12.24
C LYS B 15 5.47 9.01 -11.45
N HIS B 16 5.15 8.64 -10.22
CA HIS B 16 4.30 9.48 -9.37
C HIS B 16 3.10 10.00 -10.16
N LYS B 17 2.73 11.24 -9.91
CA LYS B 17 1.59 11.84 -10.60
C LYS B 17 2.07 12.82 -11.67
N MET A 1 -23.03 4.46 9.74
CA MET A 1 -21.75 4.85 9.07
C MET A 1 -21.81 4.46 7.60
N ASP A 2 -20.70 4.66 6.90
CA ASP A 2 -20.64 4.32 5.48
C ASP A 2 -19.24 3.83 5.10
N ASP A 3 -18.95 3.80 3.81
CA ASP A 3 -17.65 3.36 3.33
C ASP A 3 -16.97 4.45 2.52
N ILE A 4 -16.21 5.30 3.21
CA ILE A 4 -15.51 6.39 2.55
C ILE A 4 -14.25 5.87 1.85
N TYR A 5 -13.85 4.65 2.19
CA TYR A 5 -12.67 4.06 1.59
C TYR A 5 -13.06 3.12 0.45
N LYS A 6 -14.00 2.23 0.72
CA LYS A 6 -14.46 1.28 -0.29
C LYS A 6 -15.10 2.01 -1.46
N ALA A 7 -15.66 3.19 -1.18
CA ALA A 7 -16.31 3.98 -2.22
C ALA A 7 -15.27 4.62 -3.13
N ALA A 8 -14.26 5.26 -2.53
CA ALA A 8 -13.22 5.90 -3.30
C ALA A 8 -12.54 4.90 -4.23
N VAL A 9 -12.21 3.73 -3.70
CA VAL A 9 -11.56 2.69 -4.49
C VAL A 9 -12.28 2.49 -5.81
N GLU A 10 -13.58 2.24 -5.73
CA GLU A 10 -14.39 2.04 -6.94
C GLU A 10 -14.42 3.31 -7.78
N GLN A 11 -14.27 4.45 -7.12
CA GLN A 11 -14.29 5.73 -7.82
C GLN A 11 -12.87 6.18 -8.16
N LEU A 12 -12.07 5.24 -8.67
CA LEU A 12 -10.70 5.55 -9.04
C LEU A 12 -10.52 5.53 -10.55
N THR A 13 -9.76 6.49 -11.07
CA THR A 13 -9.52 6.57 -12.50
C THR A 13 -8.18 5.94 -12.87
N GLU A 14 -8.01 5.59 -14.13
CA GLU A 14 -6.77 4.99 -14.60
C GLU A 14 -5.58 5.85 -14.19
N GLU A 15 -5.83 7.12 -13.91
CA GLU A 15 -4.78 8.04 -13.51
C GLU A 15 -4.23 7.66 -12.13
N GLN A 16 -5.12 7.20 -11.26
CA GLN A 16 -4.71 6.80 -9.91
C GLN A 16 -4.23 5.36 -9.91
N LYS A 17 -5.11 4.44 -10.30
CA LYS A 17 -4.76 3.02 -10.34
C LYS A 17 -3.37 2.83 -10.91
N ASN A 18 -3.12 3.42 -12.07
CA ASN A 18 -1.81 3.30 -12.72
C ASN A 18 -0.70 3.57 -11.71
N GLU A 19 -1.02 4.32 -10.67
CA GLU A 19 -0.03 4.65 -9.64
C GLU A 19 -0.04 3.59 -8.54
N PHE A 20 -1.22 3.18 -8.13
CA PHE A 20 -1.36 2.18 -7.08
C PHE A 20 -0.90 0.81 -7.58
N LYS A 21 -0.89 0.64 -8.90
CA LYS A 21 -0.48 -0.62 -9.50
C LYS A 21 1.04 -0.75 -9.47
N ALA A 22 1.73 0.38 -9.36
CA ALA A 22 3.19 0.39 -9.32
C ALA A 22 3.69 -0.28 -8.04
N ALA A 23 3.36 0.33 -6.90
CA ALA A 23 3.77 -0.21 -5.62
C ALA A 23 3.33 -1.66 -5.47
N PHE A 24 2.05 -1.91 -5.72
CA PHE A 24 1.51 -3.26 -5.61
C PHE A 24 2.47 -4.27 -6.23
N ASP A 25 3.09 -3.89 -7.33
CA ASP A 25 4.03 -4.77 -8.01
C ASP A 25 5.32 -4.90 -7.19
N ILE A 26 5.85 -3.78 -6.74
CA ILE A 26 7.08 -3.79 -5.95
C ILE A 26 6.82 -4.35 -4.56
N PHE A 27 5.58 -4.22 -4.10
CA PHE A 27 5.22 -4.71 -2.77
C PHE A 27 4.99 -6.22 -2.81
N VAL A 28 5.15 -6.80 -3.99
CA VAL A 28 4.97 -8.25 -4.14
C VAL A 28 6.09 -8.84 -4.97
N LEU A 29 7.22 -8.13 -5.04
CA LEU A 29 8.37 -8.60 -5.79
C LEU A 29 8.95 -9.86 -5.16
N GLY A 30 8.58 -11.02 -5.69
CA GLY A 30 9.07 -12.28 -5.16
C GLY A 30 7.95 -13.08 -4.52
N ALA A 31 6.72 -12.56 -4.61
CA ALA A 31 5.57 -13.23 -4.03
C ALA A 31 5.29 -14.54 -4.77
N GLU A 32 4.45 -15.38 -4.18
CA GLU A 32 4.10 -16.67 -4.78
C GLU A 32 2.83 -16.54 -5.60
N ASP A 33 1.81 -15.92 -5.02
CA ASP A 33 0.54 -15.75 -5.70
C ASP A 33 0.36 -14.30 -6.15
N GLY A 34 0.66 -13.37 -5.26
CA GLY A 34 0.54 -11.95 -5.56
C GLY A 34 0.01 -11.17 -4.37
N CYS A 35 0.62 -11.40 -3.21
CA CYS A 35 0.20 -10.71 -1.99
C CYS A 35 1.42 -10.15 -1.25
N ILE A 36 1.18 -9.66 -0.03
CA ILE A 36 2.26 -9.10 0.77
C ILE A 36 2.37 -9.83 2.10
N SER A 37 3.53 -9.71 2.75
CA SER A 37 3.74 -10.36 4.04
C SER A 37 4.96 -9.76 4.74
N THR A 38 5.16 -8.46 4.56
CA THR A 38 6.28 -7.77 5.18
C THR A 38 7.59 -8.14 4.47
N LYS A 39 7.84 -9.43 4.32
CA LYS A 39 9.06 -9.89 3.66
C LYS A 39 9.29 -9.10 2.37
N GLU A 40 8.21 -8.81 1.66
CA GLU A 40 8.31 -8.06 0.41
C GLU A 40 8.12 -6.57 0.67
N LEU A 41 7.15 -6.23 1.50
CA LEU A 41 6.87 -4.84 1.82
C LEU A 41 8.12 -4.15 2.37
N GLY A 42 8.64 -4.68 3.47
CA GLY A 42 9.84 -4.11 4.09
C GLY A 42 10.90 -3.80 3.03
N LYS A 43 11.08 -4.72 2.08
CA LYS A 43 12.05 -4.52 1.02
C LYS A 43 11.98 -3.11 0.48
N VAL A 44 10.77 -2.58 0.35
CA VAL A 44 10.58 -1.23 -0.16
C VAL A 44 10.99 -0.20 0.89
N MET A 45 10.63 -0.47 2.14
CA MET A 45 10.95 0.45 3.23
C MET A 45 12.40 0.92 3.11
N ARG A 46 13.34 -0.01 3.20
CA ARG A 46 14.75 0.33 3.09
C ARG A 46 14.97 1.42 2.05
N MET A 47 14.21 1.34 0.96
CA MET A 47 14.33 2.33 -0.11
C MET A 47 13.52 3.58 0.22
N LEU A 48 12.41 3.38 0.93
CA LEU A 48 11.55 4.50 1.30
C LEU A 48 12.25 5.41 2.29
N GLY A 49 13.38 4.94 2.83
CA GLY A 49 14.14 5.73 3.79
C GLY A 49 13.91 5.22 5.21
N GLN A 50 13.40 4.00 5.33
CA GLN A 50 13.13 3.41 6.63
C GLN A 50 13.43 1.92 6.63
N ASN A 51 12.94 1.22 7.63
CA ASN A 51 13.16 -0.23 7.73
C ASN A 51 12.45 -0.80 8.95
N PRO A 52 11.18 -1.05 8.83
CA PRO A 52 10.35 -1.61 9.94
C PRO A 52 10.65 -3.09 10.18
N THR A 53 10.38 -3.54 11.40
CA THR A 53 10.62 -4.94 11.76
C THR A 53 9.50 -5.83 11.24
N PRO A 54 9.72 -7.11 11.21
CA PRO A 54 8.71 -8.10 10.74
C PRO A 54 7.56 -8.26 11.72
N GLU A 55 7.80 -7.88 12.97
CA GLU A 55 6.78 -8.00 14.00
C GLU A 55 5.82 -6.82 13.93
N GLU A 56 6.33 -5.67 13.49
CA GLU A 56 5.51 -4.46 13.38
C GLU A 56 4.92 -4.34 11.98
N LEU A 57 5.74 -4.63 10.97
CA LEU A 57 5.28 -4.55 9.59
C LEU A 57 3.84 -5.02 9.47
N GLN A 58 3.51 -6.08 10.19
CA GLN A 58 2.15 -6.62 10.16
C GLN A 58 1.13 -5.50 10.22
N GLU A 59 1.43 -4.47 10.99
CA GLU A 59 0.54 -3.33 11.14
C GLU A 59 0.12 -2.80 9.77
N MET A 60 1.08 -2.73 8.85
CA MET A 60 0.80 -2.24 7.50
C MET A 60 -0.14 -3.19 6.77
N ILE A 61 -0.27 -4.41 7.29
CA ILE A 61 -1.15 -5.40 6.69
C ILE A 61 -2.46 -5.52 7.47
N ASP A 62 -2.34 -5.55 8.79
CA ASP A 62 -3.51 -5.66 9.65
C ASP A 62 -4.37 -4.40 9.55
N GLU A 63 -3.80 -3.35 8.98
CA GLU A 63 -4.52 -2.09 8.83
C GLU A 63 -5.57 -2.20 7.73
N VAL A 64 -5.44 -3.22 6.90
CA VAL A 64 -6.39 -3.43 5.81
C VAL A 64 -6.57 -4.92 5.53
N ASP A 65 -6.86 -5.67 6.59
CA ASP A 65 -7.07 -7.10 6.45
C ASP A 65 -8.49 -7.48 6.85
N GLU A 66 -9.42 -7.37 5.89
CA GLU A 66 -10.81 -7.70 6.15
C GLU A 66 -11.12 -9.11 5.68
N ASP A 67 -10.10 -9.97 5.68
CA ASP A 67 -10.28 -11.34 5.25
C ASP A 67 -9.64 -12.31 6.25
N GLY A 68 -8.57 -11.85 6.89
CA GLY A 68 -7.87 -12.68 7.87
C GLY A 68 -6.61 -13.28 7.28
N SER A 69 -6.73 -13.81 6.06
CA SER A 69 -5.57 -14.42 5.39
C SER A 69 -4.27 -13.96 6.04
N GLY A 70 -4.08 -12.65 6.09
CA GLY A 70 -2.86 -12.10 6.70
C GLY A 70 -2.07 -11.28 5.67
N THR A 71 -2.19 -11.66 4.40
CA THR A 71 -1.48 -10.95 3.34
C THR A 71 -2.38 -9.88 2.73
N VAL A 72 -1.76 -8.95 2.01
CA VAL A 72 -2.50 -7.87 1.36
C VAL A 72 -2.66 -8.13 -0.12
N ASP A 73 -3.71 -7.57 -0.72
CA ASP A 73 -3.96 -7.76 -2.14
C ASP A 73 -4.42 -6.45 -2.78
N PHE A 74 -4.73 -6.50 -4.06
CA PHE A 74 -5.18 -5.31 -4.78
C PHE A 74 -6.45 -4.74 -4.13
N ASP A 75 -7.07 -5.55 -3.27
CA ASP A 75 -8.30 -5.11 -2.60
C ASP A 75 -7.96 -4.44 -1.27
N GLU A 76 -7.07 -5.07 -0.50
CA GLU A 76 -6.68 -4.52 0.79
C GLU A 76 -5.70 -3.37 0.60
N PHE A 77 -4.66 -3.60 -0.20
CA PHE A 77 -3.65 -2.58 -0.45
C PHE A 77 -4.31 -1.29 -0.92
N LEU A 78 -5.00 -1.37 -2.06
CA LEU A 78 -5.67 -0.19 -2.61
C LEU A 78 -6.18 0.70 -1.49
N VAL A 79 -7.03 0.16 -0.62
CA VAL A 79 -7.57 0.93 0.49
C VAL A 79 -6.45 1.54 1.32
N MET A 80 -5.37 0.81 1.47
CA MET A 80 -4.22 1.28 2.25
C MET A 80 -3.75 2.64 1.72
N MET A 81 -4.11 2.94 0.47
CA MET A 81 -3.72 4.21 -0.13
C MET A 81 -4.76 5.29 0.17
N VAL A 82 -6.03 4.93 0.01
CA VAL A 82 -7.11 5.87 0.28
C VAL A 82 -7.04 6.40 1.71
N ARG A 83 -6.76 5.50 2.65
CA ARG A 83 -6.66 5.88 4.05
C ARG A 83 -5.59 6.94 4.24
N CYS A 84 -4.56 6.90 3.41
CA CYS A 84 -3.47 7.87 3.50
C CYS A 84 -3.50 8.82 2.31
N MET A 85 -4.69 9.25 1.93
CA MET A 85 -4.85 10.16 0.80
C MET A 85 -4.05 11.45 1.04
N LYS A 86 -4.60 12.32 1.88
CA LYS A 86 -3.93 13.57 2.19
C LYS A 86 -3.93 13.83 3.70
N ASP A 87 -2.87 14.45 4.19
CA ASP A 87 -2.74 14.74 5.61
C ASP A 87 -3.37 16.11 5.93
N ASP A 88 -4.42 16.09 6.74
CA ASP A 88 -5.09 17.33 7.11
C ASP A 88 -5.77 17.18 8.47
N SER A 89 -5.12 16.45 9.38
CA SER A 89 -5.66 16.24 10.71
C SER A 89 -5.04 17.21 11.71
N ARG B 1 3.51 6.95 10.71
CA ARG B 1 3.88 5.99 9.64
C ARG B 1 4.16 6.74 8.34
N MET B 2 4.09 6.03 7.22
CA MET B 2 4.33 6.64 5.93
C MET B 2 3.01 6.93 5.21
N SER B 3 2.97 8.05 4.50
CA SER B 3 1.75 8.43 3.78
C SER B 3 1.86 8.05 2.30
N ALA B 4 0.73 7.70 1.70
CA ALA B 4 0.71 7.31 0.29
C ALA B 4 1.52 8.31 -0.54
N ASP B 5 1.36 9.58 -0.24
CA ASP B 5 2.07 10.62 -0.98
C ASP B 5 3.58 10.44 -0.84
N ALA B 6 4.02 10.11 0.37
CA ALA B 6 5.45 9.91 0.62
C ALA B 6 5.91 8.60 -0.02
N MET B 7 5.13 7.54 0.14
CA MET B 7 5.47 6.25 -0.42
C MET B 7 5.54 6.32 -1.94
N LEU B 8 4.88 7.34 -2.50
CA LEU B 8 4.85 7.52 -3.95
C LEU B 8 6.06 8.34 -4.40
N LYS B 9 6.55 9.18 -3.51
CA LYS B 9 7.70 10.03 -3.83
C LYS B 9 8.96 9.18 -3.99
N ALA B 10 9.20 8.30 -3.03
CA ALA B 10 10.38 7.44 -3.07
C ALA B 10 10.19 6.32 -4.10
N LEU B 11 9.32 5.37 -3.77
CA LEU B 11 9.05 4.25 -4.66
C LEU B 11 8.92 4.74 -6.11
N LEU B 12 8.17 5.82 -6.28
CA LEU B 12 7.97 6.38 -7.62
C LEU B 12 7.60 7.86 -7.53
N GLY B 13 8.62 8.69 -7.30
CA GLY B 13 8.40 10.13 -7.20
C GLY B 13 8.88 10.85 -8.46
N SER B 14 9.36 10.06 -9.43
CA SER B 14 9.83 10.63 -10.69
C SER B 14 8.67 10.94 -11.61
N LYS B 15 7.66 10.07 -11.59
CA LYS B 15 6.49 10.26 -12.45
C LYS B 15 5.27 10.65 -11.62
N HIS B 16 5.43 10.62 -10.29
CA HIS B 16 4.35 10.98 -9.39
C HIS B 16 3.88 12.41 -9.66
N LYS B 17 4.83 13.31 -9.88
CA LYS B 17 4.50 14.70 -10.15
C LYS B 17 3.69 15.29 -9.00
N MET A 1 -23.02 4.45 9.75
CA MET A 1 -21.76 4.85 9.07
C MET A 1 -21.81 4.46 7.60
N ASP A 2 -20.70 4.66 6.90
CA ASP A 2 -20.63 4.32 5.48
C ASP A 2 -19.24 3.82 5.11
N ASP A 3 -18.95 3.82 3.81
CA ASP A 3 -17.65 3.37 3.33
C ASP A 3 -16.97 4.47 2.53
N ILE A 4 -16.19 5.31 3.21
CA ILE A 4 -15.49 6.40 2.55
C ILE A 4 -14.25 5.89 1.85
N TYR A 5 -13.86 4.65 2.15
CA TYR A 5 -12.68 4.05 1.55
C TYR A 5 -13.07 3.11 0.42
N LYS A 6 -14.01 2.21 0.71
CA LYS A 6 -14.46 1.25 -0.29
C LYS A 6 -15.11 1.98 -1.46
N ALA A 7 -15.65 3.17 -1.19
CA ALA A 7 -16.31 3.96 -2.24
C ALA A 7 -15.26 4.63 -3.13
N ALA A 8 -14.23 5.18 -2.51
CA ALA A 8 -13.17 5.85 -3.26
C ALA A 8 -12.50 4.88 -4.22
N VAL A 9 -12.11 3.72 -3.70
CA VAL A 9 -11.45 2.71 -4.53
C VAL A 9 -12.22 2.51 -5.84
N GLU A 10 -13.52 2.26 -5.73
CA GLU A 10 -14.35 2.05 -6.91
C GLU A 10 -14.39 3.31 -7.76
N GLN A 11 -14.26 4.46 -7.12
CA GLN A 11 -14.28 5.74 -7.84
C GLN A 11 -12.87 6.18 -8.19
N LEU A 12 -12.06 5.23 -8.67
CA LEU A 12 -10.68 5.53 -9.04
C LEU A 12 -10.52 5.52 -10.56
N THR A 13 -9.74 6.47 -11.08
CA THR A 13 -9.51 6.55 -12.51
C THR A 13 -8.15 5.95 -12.88
N GLU A 14 -8.00 5.57 -14.14
CA GLU A 14 -6.75 4.98 -14.60
C GLU A 14 -5.56 5.85 -14.20
N GLU A 15 -5.84 7.12 -13.92
CA GLU A 15 -4.78 8.04 -13.51
C GLU A 15 -4.23 7.65 -12.15
N GLN A 16 -5.11 7.20 -11.26
CA GLN A 16 -4.69 6.80 -9.92
C GLN A 16 -4.21 5.35 -9.92
N LYS A 17 -5.10 4.44 -10.30
CA LYS A 17 -4.76 3.02 -10.34
C LYS A 17 -3.36 2.82 -10.91
N ASN A 18 -3.11 3.42 -12.07
CA ASN A 18 -1.80 3.30 -12.71
C ASN A 18 -0.68 3.53 -11.70
N GLU A 19 -0.98 4.35 -10.69
CA GLU A 19 0.02 4.64 -9.67
C GLU A 19 0.03 3.55 -8.61
N PHE A 20 -1.14 3.18 -8.12
CA PHE A 20 -1.25 2.14 -7.10
C PHE A 20 -0.73 0.81 -7.64
N LYS A 21 -0.95 0.57 -8.92
CA LYS A 21 -0.49 -0.68 -9.54
C LYS A 21 1.02 -0.76 -9.50
N ALA A 22 1.68 0.38 -9.38
CA ALA A 22 3.13 0.41 -9.32
C ALA A 22 3.64 -0.27 -8.05
N ALA A 23 3.34 0.33 -6.91
CA ALA A 23 3.77 -0.23 -5.63
C ALA A 23 3.32 -1.68 -5.51
N PHE A 24 2.02 -1.91 -5.72
CA PHE A 24 1.48 -3.26 -5.62
C PHE A 24 2.44 -4.28 -6.23
N ASP A 25 3.12 -3.88 -7.31
CA ASP A 25 4.06 -4.77 -7.97
C ASP A 25 5.33 -4.91 -7.14
N ILE A 26 5.97 -3.78 -6.84
CA ILE A 26 7.18 -3.80 -6.04
C ILE A 26 6.91 -4.34 -4.64
N PHE A 27 5.65 -4.29 -4.23
CA PHE A 27 5.27 -4.77 -2.90
C PHE A 27 5.28 -6.30 -2.87
N VAL A 28 5.00 -6.91 -4.03
CA VAL A 28 4.99 -8.36 -4.12
C VAL A 28 6.11 -8.86 -5.03
N LEU A 29 7.24 -8.16 -5.01
CA LEU A 29 8.38 -8.53 -5.83
C LEU A 29 9.03 -9.81 -5.30
N GLY A 30 8.49 -10.95 -5.70
CA GLY A 30 9.03 -12.24 -5.26
C GLY A 30 7.95 -13.08 -4.58
N ALA A 31 6.72 -12.58 -4.61
CA ALA A 31 5.60 -13.29 -3.99
C ALA A 31 5.33 -14.60 -4.73
N GLU A 32 4.44 -15.41 -4.18
CA GLU A 32 4.10 -16.69 -4.79
C GLU A 32 2.82 -16.58 -5.61
N ASP A 33 1.81 -15.94 -5.03
CA ASP A 33 0.54 -15.76 -5.71
C ASP A 33 0.36 -14.31 -6.16
N GLY A 34 0.65 -13.38 -5.26
CA GLY A 34 0.52 -11.97 -5.58
C GLY A 34 0.02 -11.18 -4.37
N CYS A 35 0.63 -11.41 -3.22
CA CYS A 35 0.24 -10.72 -2.00
C CYS A 35 1.46 -10.15 -1.29
N ILE A 36 1.25 -9.64 -0.08
CA ILE A 36 2.34 -9.06 0.70
C ILE A 36 2.38 -9.67 2.09
N SER A 37 3.58 -9.73 2.67
CA SER A 37 3.74 -10.29 4.01
C SER A 37 4.98 -9.71 4.68
N THR A 38 5.16 -8.40 4.57
CA THR A 38 6.30 -7.73 5.17
C THR A 38 7.58 -8.11 4.43
N LYS A 39 7.86 -9.40 4.34
CA LYS A 39 9.05 -9.87 3.66
C LYS A 39 9.28 -9.09 2.38
N GLU A 40 8.21 -8.82 1.65
CA GLU A 40 8.31 -8.07 0.40
C GLU A 40 8.09 -6.58 0.65
N LEU A 41 7.15 -6.27 1.53
CA LEU A 41 6.86 -4.87 1.86
C LEU A 41 8.10 -4.17 2.39
N GLY A 42 8.63 -4.67 3.49
CA GLY A 42 9.83 -4.09 4.10
C GLY A 42 10.88 -3.77 3.03
N LYS A 43 11.04 -4.69 2.09
CA LYS A 43 12.03 -4.51 1.02
C LYS A 43 11.96 -3.09 0.48
N VAL A 44 10.75 -2.56 0.35
CA VAL A 44 10.57 -1.21 -0.16
C VAL A 44 10.97 -0.18 0.89
N MET A 45 10.63 -0.45 2.15
CA MET A 45 10.96 0.45 3.24
C MET A 45 12.41 0.93 3.12
N ARG A 46 13.35 0.00 3.19
CA ARG A 46 14.76 0.33 3.08
C ARG A 46 14.97 1.44 2.05
N MET A 47 14.22 1.36 0.95
CA MET A 47 14.33 2.35 -0.11
C MET A 47 13.51 3.59 0.23
N LEU A 48 12.41 3.38 0.94
CA LEU A 48 11.54 4.50 1.32
C LEU A 48 12.23 5.39 2.33
N GLY A 49 13.39 4.95 2.82
CA GLY A 49 14.15 5.72 3.80
C GLY A 49 13.89 5.21 5.21
N GLN A 50 13.36 4.00 5.31
CA GLN A 50 13.07 3.40 6.61
C GLN A 50 13.39 1.91 6.60
N ASN A 51 12.91 1.21 7.63
CA ASN A 51 13.15 -0.23 7.73
C ASN A 51 12.45 -0.80 8.95
N PRO A 52 11.17 -1.05 8.84
CA PRO A 52 10.36 -1.61 9.96
C PRO A 52 10.66 -3.09 10.20
N THR A 53 10.38 -3.56 11.42
CA THR A 53 10.62 -4.95 11.76
C THR A 53 9.49 -5.84 11.25
N PRO A 54 9.71 -7.12 11.21
CA PRO A 54 8.70 -8.11 10.74
C PRO A 54 7.56 -8.28 11.72
N GLU A 55 7.79 -7.87 12.97
CA GLU A 55 6.77 -7.98 14.01
C GLU A 55 5.81 -6.80 13.95
N GLU A 56 6.30 -5.67 13.47
CA GLU A 56 5.48 -4.47 13.36
C GLU A 56 4.88 -4.36 11.97
N LEU A 57 5.70 -4.63 10.96
CA LEU A 57 5.24 -4.55 9.57
C LEU A 57 3.78 -5.01 9.47
N GLN A 58 3.46 -6.09 10.16
CA GLN A 58 2.10 -6.63 10.14
C GLN A 58 1.09 -5.49 10.19
N GLU A 59 1.39 -4.47 10.98
CA GLU A 59 0.49 -3.32 11.11
C GLU A 59 0.10 -2.79 9.74
N MET A 60 1.06 -2.74 8.83
CA MET A 60 0.80 -2.25 7.48
C MET A 60 -0.18 -3.16 6.75
N ILE A 61 -0.28 -4.41 7.23
CA ILE A 61 -1.20 -5.38 6.62
C ILE A 61 -2.48 -5.50 7.43
N ASP A 62 -2.33 -5.54 8.75
CA ASP A 62 -3.48 -5.66 9.63
C ASP A 62 -4.35 -4.40 9.54
N GLU A 63 -3.79 -3.34 8.96
CA GLU A 63 -4.52 -2.09 8.83
C GLU A 63 -5.59 -2.21 7.74
N VAL A 64 -5.45 -3.21 6.89
CA VAL A 64 -6.40 -3.43 5.81
C VAL A 64 -6.57 -4.93 5.54
N ASP A 65 -6.85 -5.68 6.59
CA ASP A 65 -7.04 -7.12 6.46
C ASP A 65 -8.46 -7.51 6.84
N GLU A 66 -9.38 -7.38 5.88
CA GLU A 66 -10.77 -7.73 6.12
C GLU A 66 -11.09 -9.10 5.57
N ASP A 67 -10.11 -10.00 5.60
CA ASP A 67 -10.29 -11.35 5.09
C ASP A 67 -9.63 -12.36 6.02
N GLY A 68 -8.86 -11.87 6.98
CA GLY A 68 -8.18 -12.74 7.93
C GLY A 68 -7.26 -13.72 7.20
N SER A 69 -6.44 -13.20 6.29
CA SER A 69 -5.52 -14.03 5.54
C SER A 69 -4.08 -13.77 5.97
N GLY A 70 -3.80 -12.51 6.33
CA GLY A 70 -2.46 -12.14 6.75
C GLY A 70 -1.73 -11.36 5.66
N THR A 71 -2.01 -11.71 4.41
CA THR A 71 -1.38 -11.03 3.28
C THR A 71 -2.33 -10.01 2.67
N VAL A 72 -1.76 -8.97 2.06
CA VAL A 72 -2.57 -7.92 1.44
C VAL A 72 -2.69 -8.16 -0.06
N ASP A 73 -3.77 -7.66 -0.65
CA ASP A 73 -4.00 -7.82 -2.08
C ASP A 73 -4.48 -6.51 -2.70
N PHE A 74 -4.69 -6.52 -4.01
CA PHE A 74 -5.15 -5.32 -4.70
C PHE A 74 -6.40 -4.76 -4.04
N ASP A 75 -7.08 -5.59 -3.26
CA ASP A 75 -8.29 -5.17 -2.57
C ASP A 75 -7.94 -4.43 -1.29
N GLU A 76 -7.07 -5.04 -0.47
CA GLU A 76 -6.66 -4.42 0.78
C GLU A 76 -5.63 -3.32 0.53
N PHE A 77 -4.65 -3.63 -0.31
CA PHE A 77 -3.61 -2.66 -0.64
C PHE A 77 -4.22 -1.34 -1.10
N LEU A 78 -5.06 -1.41 -2.12
CA LEU A 78 -5.71 -0.21 -2.65
C LEU A 78 -6.18 0.69 -1.50
N VAL A 79 -7.01 0.14 -0.63
CA VAL A 79 -7.54 0.91 0.49
C VAL A 79 -6.39 1.53 1.28
N MET A 80 -5.34 0.75 1.53
CA MET A 80 -4.19 1.24 2.27
C MET A 80 -3.72 2.58 1.71
N MET A 81 -4.17 2.90 0.50
CA MET A 81 -3.79 4.15 -0.14
C MET A 81 -4.81 5.23 0.15
N VAL A 82 -6.09 4.90 -0.01
CA VAL A 82 -7.16 5.85 0.24
C VAL A 82 -7.08 6.38 1.67
N ARG A 83 -6.78 5.48 2.61
CA ARG A 83 -6.68 5.86 4.01
C ARG A 83 -5.61 6.94 4.20
N CYS A 84 -4.57 6.87 3.39
CA CYS A 84 -3.48 7.84 3.47
C CYS A 84 -3.50 8.78 2.27
N MET A 85 -4.70 9.25 1.92
CA MET A 85 -4.84 10.16 0.79
C MET A 85 -4.05 11.45 1.03
N LYS A 86 -4.57 12.30 1.89
CA LYS A 86 -3.90 13.57 2.20
C LYS A 86 -3.91 13.83 3.70
N ASP A 87 -2.84 14.44 4.19
CA ASP A 87 -2.74 14.75 5.62
C ASP A 87 -3.37 16.10 5.92
N ASP A 88 -4.40 16.09 6.75
CA ASP A 88 -5.09 17.33 7.12
C ASP A 88 -5.76 17.19 8.48
N SER A 89 -5.13 16.45 9.38
CA SER A 89 -5.67 16.24 10.72
C SER A 89 -5.05 17.22 11.71
N ARG B 1 4.70 6.71 10.46
CA ARG B 1 3.84 6.13 9.39
C ARG B 1 4.27 6.68 8.04
N MET B 2 4.29 5.82 7.03
CA MET B 2 4.69 6.24 5.69
C MET B 2 3.48 6.70 4.88
N SER B 3 3.35 8.01 4.70
CA SER B 3 2.23 8.56 3.95
C SER B 3 2.32 8.18 2.48
N ALA B 4 1.18 7.84 1.89
CA ALA B 4 1.15 7.45 0.49
C ALA B 4 1.92 8.45 -0.37
N ASP B 5 1.90 9.71 0.05
CA ASP B 5 2.61 10.76 -0.69
C ASP B 5 4.11 10.49 -0.69
N ALA B 6 4.64 10.11 0.46
CA ALA B 6 6.06 9.82 0.58
C ALA B 6 6.42 8.54 -0.17
N MET B 7 5.68 7.47 0.11
CA MET B 7 5.93 6.20 -0.54
C MET B 7 5.87 6.34 -2.06
N LEU B 8 5.19 7.39 -2.52
CA LEU B 8 5.06 7.64 -3.95
C LEU B 8 6.26 8.41 -4.46
N LYS B 9 6.86 9.23 -3.60
CA LYS B 9 8.02 10.02 -3.97
C LYS B 9 9.26 9.14 -4.11
N ALA B 10 9.41 8.20 -3.18
CA ALA B 10 10.55 7.29 -3.20
C ALA B 10 10.33 6.18 -4.22
N LEU B 11 9.49 5.21 -3.86
CA LEU B 11 9.20 4.09 -4.75
C LEU B 11 8.93 4.59 -6.17
N LEU B 12 8.09 5.62 -6.27
CA LEU B 12 7.77 6.19 -7.57
C LEU B 12 8.46 7.52 -7.77
N GLY B 13 9.68 7.64 -7.24
CA GLY B 13 10.44 8.88 -7.36
C GLY B 13 10.75 9.17 -8.83
N SER B 14 10.95 8.12 -9.61
CA SER B 14 11.26 8.29 -11.03
C SER B 14 10.14 9.04 -11.74
N LYS B 15 8.90 8.69 -11.41
CA LYS B 15 7.74 9.34 -12.02
C LYS B 15 6.66 9.60 -10.97
N HIS B 16 6.22 10.86 -10.89
CA HIS B 16 5.19 11.23 -9.93
C HIS B 16 4.66 12.62 -10.23
N LYS B 17 3.36 12.82 -10.02
CA LYS B 17 2.74 14.12 -10.27
C LYS B 17 2.88 15.03 -9.06
N MET A 1 -23.03 4.45 9.74
CA MET A 1 -21.76 4.85 9.07
C MET A 1 -21.81 4.46 7.60
N ASP A 2 -20.70 4.66 6.90
CA ASP A 2 -20.63 4.32 5.48
C ASP A 2 -19.23 3.83 5.11
N ASP A 3 -18.94 3.81 3.81
CA ASP A 3 -17.64 3.36 3.34
C ASP A 3 -16.96 4.46 2.53
N ILE A 4 -16.19 5.30 3.21
CA ILE A 4 -15.49 6.38 2.55
C ILE A 4 -14.24 5.86 1.85
N TYR A 5 -13.85 4.64 2.17
CA TYR A 5 -12.67 4.03 1.56
C TYR A 5 -13.07 3.10 0.42
N LYS A 6 -14.00 2.20 0.71
CA LYS A 6 -14.47 1.25 -0.30
C LYS A 6 -15.11 1.99 -1.47
N ALA A 7 -15.65 3.16 -1.19
CA ALA A 7 -16.30 3.96 -2.23
C ALA A 7 -15.26 4.62 -3.13
N ALA A 8 -14.24 5.20 -2.50
CA ALA A 8 -13.17 5.87 -3.26
C ALA A 8 -12.51 4.90 -4.23
N VAL A 9 -12.11 3.73 -3.72
CA VAL A 9 -11.48 2.72 -4.55
C VAL A 9 -12.24 2.54 -5.86
N GLU A 10 -13.53 2.24 -5.75
CA GLU A 10 -14.35 2.03 -6.93
C GLU A 10 -14.40 3.30 -7.78
N GLN A 11 -14.27 4.45 -7.13
CA GLN A 11 -14.29 5.73 -7.83
C GLN A 11 -12.87 6.17 -8.18
N LEU A 12 -12.07 5.23 -8.67
CA LEU A 12 -10.69 5.54 -9.04
C LEU A 12 -10.53 5.52 -10.55
N THR A 13 -9.76 6.48 -11.08
CA THR A 13 -9.54 6.56 -12.52
C THR A 13 -8.19 5.95 -12.88
N GLU A 14 -8.03 5.59 -14.15
CA GLU A 14 -6.79 4.99 -14.62
C GLU A 14 -5.59 5.84 -14.21
N GLU A 15 -5.85 7.12 -13.92
CA GLU A 15 -4.79 8.03 -13.51
C GLU A 15 -4.23 7.63 -12.14
N GLN A 16 -5.12 7.24 -11.25
CA GLN A 16 -4.71 6.83 -9.91
C GLN A 16 -4.24 5.38 -9.90
N LYS A 17 -5.13 4.48 -10.30
CA LYS A 17 -4.81 3.06 -10.35
C LYS A 17 -3.41 2.85 -10.92
N ASN A 18 -3.15 3.46 -12.07
CA ASN A 18 -1.86 3.33 -12.72
C ASN A 18 -0.73 3.55 -11.72
N GLU A 19 -0.99 4.40 -10.71
CA GLU A 19 0.01 4.68 -9.69
C GLU A 19 0.06 3.56 -8.66
N PHE A 20 -1.09 3.19 -8.12
CA PHE A 20 -1.16 2.13 -7.13
C PHE A 20 -0.55 0.84 -7.68
N LYS A 21 -0.95 0.46 -8.89
CA LYS A 21 -0.44 -0.74 -9.52
C LYS A 21 1.09 -0.79 -9.41
N ALA A 22 1.71 0.38 -9.41
CA ALA A 22 3.16 0.46 -9.32
C ALA A 22 3.67 -0.22 -8.05
N ALA A 23 3.33 0.36 -6.90
CA ALA A 23 3.74 -0.19 -5.62
C ALA A 23 3.31 -1.65 -5.50
N PHE A 24 2.02 -1.89 -5.74
CA PHE A 24 1.48 -3.25 -5.65
C PHE A 24 2.47 -4.25 -6.24
N ASP A 25 3.09 -3.87 -7.36
CA ASP A 25 4.06 -4.75 -8.00
C ASP A 25 5.31 -4.90 -7.15
N ILE A 26 5.97 -3.78 -6.86
CA ILE A 26 7.18 -3.80 -6.05
C ILE A 26 6.88 -4.37 -4.66
N PHE A 27 5.64 -4.26 -4.24
CA PHE A 27 5.23 -4.76 -2.93
C PHE A 27 5.21 -6.29 -2.92
N VAL A 28 4.95 -6.87 -4.09
CA VAL A 28 4.90 -8.32 -4.20
C VAL A 28 6.04 -8.83 -5.08
N LEU A 29 7.17 -8.15 -5.02
CA LEU A 29 8.34 -8.53 -5.82
C LEU A 29 8.98 -9.79 -5.25
N GLY A 30 8.50 -10.95 -5.70
CA GLY A 30 9.03 -12.22 -5.24
C GLY A 30 7.96 -13.06 -4.56
N ALA A 31 6.72 -12.57 -4.62
CA ALA A 31 5.60 -13.29 -4.01
C ALA A 31 5.34 -14.60 -4.74
N GLU A 32 4.44 -15.40 -4.19
CA GLU A 32 4.11 -16.69 -4.79
C GLU A 32 2.83 -16.57 -5.61
N ASP A 33 1.80 -15.94 -5.03
CA ASP A 33 0.54 -15.76 -5.72
C ASP A 33 0.37 -14.33 -6.17
N GLY A 34 0.68 -13.39 -5.29
CA GLY A 34 0.55 -11.97 -5.60
C GLY A 34 0.03 -11.19 -4.41
N CYS A 35 0.62 -11.42 -3.24
CA CYS A 35 0.20 -10.73 -2.02
C CYS A 35 1.40 -10.15 -1.30
N ILE A 36 1.17 -9.67 -0.07
CA ILE A 36 2.25 -9.09 0.72
C ILE A 36 2.33 -9.78 2.09
N SER A 37 3.52 -9.73 2.69
CA SER A 37 3.72 -10.34 4.01
C SER A 37 4.94 -9.75 4.69
N THR A 38 5.13 -8.43 4.53
CA THR A 38 6.26 -7.76 5.14
C THR A 38 7.56 -8.12 4.41
N LYS A 39 7.84 -9.42 4.33
CA LYS A 39 9.04 -9.88 3.66
C LYS A 39 9.28 -9.09 2.38
N GLU A 40 8.21 -8.81 1.65
CA GLU A 40 8.31 -8.06 0.40
C GLU A 40 8.11 -6.57 0.65
N LEU A 41 7.15 -6.25 1.51
CA LEU A 41 6.86 -4.86 1.83
C LEU A 41 8.10 -4.16 2.36
N GLY A 42 8.62 -4.65 3.48
CA GLY A 42 9.81 -4.08 4.09
C GLY A 42 10.86 -3.77 3.04
N LYS A 43 11.02 -4.71 2.09
CA LYS A 43 12.01 -4.53 1.03
C LYS A 43 11.95 -3.11 0.47
N VAL A 44 10.74 -2.58 0.34
CA VAL A 44 10.56 -1.23 -0.20
C VAL A 44 10.92 -0.19 0.86
N MET A 45 10.64 -0.52 2.11
CA MET A 45 10.94 0.41 3.21
C MET A 45 12.38 0.89 3.12
N ARG A 46 13.33 -0.04 3.17
CA ARG A 46 14.74 0.32 3.10
C ARG A 46 14.96 1.41 2.05
N MET A 47 14.19 1.34 0.96
CA MET A 47 14.32 2.33 -0.10
C MET A 47 13.50 3.57 0.21
N LEU A 48 12.41 3.38 0.95
CA LEU A 48 11.54 4.50 1.32
C LEU A 48 12.24 5.41 2.31
N GLY A 49 13.37 4.95 2.83
CA GLY A 49 14.13 5.74 3.80
C GLY A 49 13.90 5.24 5.22
N GLN A 50 13.38 4.02 5.33
CA GLN A 50 13.11 3.42 6.64
C GLN A 50 13.40 1.93 6.62
N ASN A 51 12.94 1.23 7.65
CA ASN A 51 13.16 -0.22 7.74
C ASN A 51 12.45 -0.79 8.96
N PRO A 52 11.18 -1.05 8.85
CA PRO A 52 10.37 -1.62 9.95
C PRO A 52 10.68 -3.09 10.20
N THR A 53 10.36 -3.57 11.41
CA THR A 53 10.61 -4.96 11.76
C THR A 53 9.48 -5.85 11.25
N PRO A 54 9.71 -7.13 11.21
CA PRO A 54 8.71 -8.12 10.74
C PRO A 54 7.57 -8.31 11.74
N GLU A 55 7.79 -7.87 12.98
CA GLU A 55 6.78 -7.99 14.01
C GLU A 55 5.81 -6.81 13.96
N GLU A 56 6.32 -5.65 13.54
CA GLU A 56 5.49 -4.46 13.44
C GLU A 56 4.92 -4.31 12.04
N LEU A 57 5.71 -4.67 11.04
CA LEU A 57 5.27 -4.58 9.65
C LEU A 57 3.82 -5.03 9.52
N GLN A 58 3.47 -6.12 10.19
CA GLN A 58 2.11 -6.64 10.14
C GLN A 58 1.10 -5.51 10.22
N GLU A 59 1.41 -4.47 10.99
CA GLU A 59 0.53 -3.34 11.13
C GLU A 59 0.12 -2.79 9.76
N MET A 60 1.07 -2.74 8.85
CA MET A 60 0.80 -2.25 7.50
C MET A 60 -0.14 -3.19 6.76
N ILE A 61 -0.25 -4.42 7.26
CA ILE A 61 -1.12 -5.41 6.65
C ILE A 61 -2.42 -5.56 7.45
N ASP A 62 -2.30 -5.43 8.77
CA ASP A 62 -3.46 -5.56 9.64
C ASP A 62 -4.37 -4.35 9.50
N GLU A 63 -3.80 -3.22 9.10
CA GLU A 63 -4.57 -1.99 8.92
C GLU A 63 -5.65 -2.19 7.86
N VAL A 64 -5.43 -3.14 6.96
CA VAL A 64 -6.38 -3.42 5.90
C VAL A 64 -6.41 -4.91 5.57
N ASP A 65 -6.64 -5.73 6.59
CA ASP A 65 -6.68 -7.18 6.39
C ASP A 65 -8.09 -7.72 6.64
N GLU A 66 -9.07 -7.12 5.98
CA GLU A 66 -10.46 -7.56 6.14
C GLU A 66 -10.65 -8.96 5.58
N ASP A 67 -9.55 -9.67 5.39
CA ASP A 67 -9.60 -11.03 4.86
C ASP A 67 -8.99 -12.02 5.85
N GLY A 68 -8.75 -11.56 7.07
CA GLY A 68 -8.17 -12.41 8.10
C GLY A 68 -7.18 -13.40 7.49
N SER A 69 -7.05 -13.35 6.17
CA SER A 69 -6.13 -14.25 5.47
C SER A 69 -4.71 -14.05 5.98
N GLY A 70 -4.29 -12.80 6.09
CA GLY A 70 -2.94 -12.49 6.57
C GLY A 70 -2.21 -11.59 5.57
N THR A 71 -2.13 -12.02 4.33
CA THR A 71 -1.45 -11.25 3.29
C THR A 71 -2.39 -10.19 2.72
N VAL A 72 -1.82 -9.19 2.05
CA VAL A 72 -2.62 -8.13 1.46
C VAL A 72 -2.77 -8.35 -0.05
N ASP A 73 -3.78 -7.72 -0.63
CA ASP A 73 -4.03 -7.85 -2.06
C ASP A 73 -4.50 -6.53 -2.66
N PHE A 74 -4.70 -6.52 -3.97
CA PHE A 74 -5.15 -5.31 -4.66
C PHE A 74 -6.39 -4.75 -3.97
N ASP A 75 -7.11 -5.60 -3.25
CA ASP A 75 -8.32 -5.18 -2.56
C ASP A 75 -7.97 -4.45 -1.27
N GLU A 76 -7.11 -5.05 -0.47
CA GLU A 76 -6.70 -4.44 0.80
C GLU A 76 -5.64 -3.37 0.56
N PHE A 77 -4.70 -3.67 -0.34
CA PHE A 77 -3.64 -2.72 -0.66
C PHE A 77 -4.22 -1.37 -1.07
N LEU A 78 -5.05 -1.39 -2.12
CA LEU A 78 -5.66 -0.16 -2.61
C LEU A 78 -6.11 0.71 -1.44
N VAL A 79 -7.03 0.18 -0.62
CA VAL A 79 -7.54 0.92 0.51
C VAL A 79 -6.40 1.55 1.31
N MET A 80 -5.34 0.77 1.52
CA MET A 80 -4.19 1.26 2.26
C MET A 80 -3.72 2.59 1.72
N MET A 81 -4.14 2.91 0.50
CA MET A 81 -3.76 4.16 -0.14
C MET A 81 -4.79 5.25 0.16
N VAL A 82 -6.07 4.91 0.00
CA VAL A 82 -7.13 5.87 0.25
C VAL A 82 -7.08 6.38 1.68
N ARG A 83 -6.75 5.48 2.61
CA ARG A 83 -6.66 5.84 4.02
C ARG A 83 -5.60 6.92 4.22
N CYS A 84 -4.56 6.89 3.40
CA CYS A 84 -3.48 7.86 3.50
C CYS A 84 -3.50 8.81 2.30
N MET A 85 -4.69 9.25 1.93
CA MET A 85 -4.84 10.16 0.79
C MET A 85 -4.04 11.44 1.04
N LYS A 86 -4.57 12.30 1.89
CA LYS A 86 -3.89 13.57 2.20
C LYS A 86 -3.91 13.83 3.70
N ASP A 87 -2.83 14.44 4.21
CA ASP A 87 -2.74 14.75 5.62
C ASP A 87 -3.36 16.11 5.92
N ASP A 88 -4.40 16.09 6.75
CA ASP A 88 -5.09 17.33 7.12
C ASP A 88 -5.76 17.19 8.48
N SER A 89 -5.13 16.45 9.38
CA SER A 89 -5.67 16.24 10.72
C SER A 89 -5.05 17.22 11.71
N ARG B 1 6.24 7.00 10.65
CA ARG B 1 5.26 6.33 9.75
C ARG B 1 5.40 6.91 8.34
N MET B 2 5.07 6.09 7.34
CA MET B 2 5.16 6.53 5.95
C MET B 2 3.79 6.86 5.41
N SER B 3 3.73 7.85 4.51
CA SER B 3 2.47 8.26 3.91
C SER B 3 2.45 7.96 2.42
N ALA B 4 1.28 7.63 1.89
CA ALA B 4 1.15 7.33 0.48
C ALA B 4 1.87 8.38 -0.36
N ASP B 5 1.81 9.63 0.07
CA ASP B 5 2.47 10.71 -0.65
C ASP B 5 3.98 10.50 -0.68
N ALA B 6 4.55 10.13 0.47
CA ALA B 6 5.98 9.89 0.55
C ALA B 6 6.36 8.61 -0.19
N MET B 7 5.64 7.54 0.10
CA MET B 7 5.91 6.26 -0.55
C MET B 7 5.86 6.40 -2.07
N LEU B 8 5.10 7.38 -2.53
CA LEU B 8 4.96 7.61 -3.96
C LEU B 8 6.17 8.38 -4.49
N LYS B 9 6.79 9.17 -3.62
CA LYS B 9 7.95 9.96 -4.02
C LYS B 9 9.18 9.06 -4.15
N ALA B 10 9.43 8.23 -3.14
CA ALA B 10 10.58 7.34 -3.16
C ALA B 10 10.35 6.21 -4.17
N LEU B 11 9.50 5.26 -3.81
CA LEU B 11 9.21 4.13 -4.69
C LEU B 11 9.06 4.61 -6.14
N LEU B 12 8.22 5.62 -6.34
CA LEU B 12 8.01 6.16 -7.68
C LEU B 12 7.98 7.68 -7.63
N GLY B 13 9.15 8.29 -7.70
CA GLY B 13 9.25 9.75 -7.67
C GLY B 13 9.35 10.32 -9.09
N SER B 14 9.27 11.65 -9.20
CA SER B 14 9.36 12.30 -10.50
C SER B 14 8.08 12.08 -11.29
N LYS B 15 7.68 10.81 -11.43
CA LYS B 15 6.48 10.48 -12.18
C LYS B 15 5.23 10.75 -11.33
N HIS B 16 5.46 11.17 -10.09
CA HIS B 16 4.35 11.46 -9.18
C HIS B 16 4.30 12.94 -8.84
N LYS B 17 3.10 13.51 -8.85
CA LYS B 17 2.94 14.93 -8.54
C LYS B 17 3.79 15.32 -7.35
N MET A 1 -23.03 4.45 9.74
CA MET A 1 -21.76 4.85 9.07
C MET A 1 -21.81 4.46 7.60
N ASP A 2 -20.70 4.65 6.90
CA ASP A 2 -20.63 4.32 5.48
C ASP A 2 -19.23 3.83 5.12
N ASP A 3 -18.95 3.81 3.82
CA ASP A 3 -17.64 3.37 3.34
C ASP A 3 -16.96 4.47 2.53
N ILE A 4 -16.19 5.31 3.22
CA ILE A 4 -15.49 6.40 2.55
C ILE A 4 -14.24 5.89 1.86
N TYR A 5 -13.86 4.66 2.17
CA TYR A 5 -12.67 4.05 1.56
C TYR A 5 -13.08 3.12 0.42
N LYS A 6 -14.00 2.21 0.70
CA LYS A 6 -14.46 1.27 -0.31
C LYS A 6 -15.11 1.99 -1.47
N ALA A 7 -15.65 3.18 -1.20
CA ALA A 7 -16.30 3.98 -2.23
C ALA A 7 -15.27 4.64 -3.12
N ALA A 8 -14.25 5.23 -2.51
CA ALA A 8 -13.19 5.90 -3.26
C ALA A 8 -12.52 4.93 -4.22
N VAL A 9 -12.12 3.77 -3.71
CA VAL A 9 -11.47 2.76 -4.54
C VAL A 9 -12.23 2.56 -5.84
N GLU A 10 -13.52 2.27 -5.73
CA GLU A 10 -14.36 2.07 -6.91
C GLU A 10 -14.40 3.33 -7.76
N GLN A 11 -14.25 4.47 -7.12
CA GLN A 11 -14.28 5.75 -7.83
C GLN A 11 -12.86 6.20 -8.18
N LEU A 12 -12.05 5.26 -8.67
CA LEU A 12 -10.68 5.57 -9.03
C LEU A 12 -10.51 5.54 -10.55
N THR A 13 -9.76 6.50 -11.07
CA THR A 13 -9.53 6.57 -12.52
C THR A 13 -8.18 5.95 -12.88
N GLU A 14 -8.02 5.60 -14.15
CA GLU A 14 -6.78 4.99 -14.62
C GLU A 14 -5.58 5.86 -14.21
N GLU A 15 -5.84 7.12 -13.91
CA GLU A 15 -4.78 8.04 -13.51
C GLU A 15 -4.22 7.64 -12.15
N GLN A 16 -5.10 7.21 -11.25
CA GLN A 16 -4.68 6.81 -9.91
C GLN A 16 -4.23 5.36 -9.92
N LYS A 17 -5.13 4.46 -10.31
CA LYS A 17 -4.81 3.04 -10.35
C LYS A 17 -3.42 2.82 -10.93
N ASN A 18 -3.14 3.48 -12.06
CA ASN A 18 -1.85 3.34 -12.71
C ASN A 18 -0.72 3.54 -11.72
N GLU A 19 -0.96 4.39 -10.72
CA GLU A 19 0.04 4.66 -9.70
C GLU A 19 0.10 3.53 -8.67
N PHE A 20 -1.06 3.17 -8.14
CA PHE A 20 -1.13 2.10 -7.14
C PHE A 20 -0.52 0.83 -7.71
N LYS A 21 -0.95 0.44 -8.90
CA LYS A 21 -0.44 -0.77 -9.53
C LYS A 21 1.08 -0.82 -9.45
N ALA A 22 1.71 0.36 -9.40
CA ALA A 22 3.16 0.44 -9.32
C ALA A 22 3.66 -0.26 -8.05
N ALA A 23 3.36 0.33 -6.90
CA ALA A 23 3.78 -0.24 -5.63
C ALA A 23 3.33 -1.68 -5.51
N PHE A 24 2.03 -1.92 -5.70
CA PHE A 24 1.48 -3.26 -5.61
C PHE A 24 2.44 -4.28 -6.23
N ASP A 25 3.11 -3.88 -7.31
CA ASP A 25 4.06 -4.76 -7.97
C ASP A 25 5.33 -4.90 -7.15
N ILE A 26 5.96 -3.77 -6.83
CA ILE A 26 7.19 -3.78 -6.05
C ILE A 26 6.92 -4.32 -4.65
N PHE A 27 5.67 -4.30 -4.24
CA PHE A 27 5.29 -4.79 -2.92
C PHE A 27 5.29 -6.32 -2.90
N VAL A 28 5.02 -6.92 -4.05
CA VAL A 28 4.99 -8.37 -4.16
C VAL A 28 6.13 -8.87 -5.04
N LEU A 29 7.25 -8.16 -5.02
CA LEU A 29 8.40 -8.54 -5.83
C LEU A 29 9.03 -9.81 -5.28
N GLY A 30 8.51 -10.96 -5.69
CA GLY A 30 9.04 -12.24 -5.24
C GLY A 30 7.95 -13.07 -4.57
N ALA A 31 6.72 -12.57 -4.62
CA ALA A 31 5.60 -13.28 -4.01
C ALA A 31 5.34 -14.60 -4.74
N GLU A 32 4.44 -15.41 -4.18
CA GLU A 32 4.11 -16.69 -4.79
C GLU A 32 2.83 -16.58 -5.61
N ASP A 33 1.82 -15.95 -5.03
CA ASP A 33 0.54 -15.78 -5.71
C ASP A 33 0.37 -14.34 -6.18
N GLY A 34 0.67 -13.40 -5.29
CA GLY A 34 0.55 -11.98 -5.63
C GLY A 34 0.03 -11.19 -4.43
N CYS A 35 0.60 -11.45 -3.26
CA CYS A 35 0.19 -10.75 -2.05
C CYS A 35 1.40 -10.15 -1.33
N ILE A 36 1.18 -9.68 -0.11
CA ILE A 36 2.26 -9.10 0.67
C ILE A 36 2.31 -9.69 2.07
N SER A 37 3.52 -9.78 2.63
CA SER A 37 3.68 -10.34 3.97
C SER A 37 4.92 -9.76 4.64
N THR A 38 5.07 -8.44 4.57
CA THR A 38 6.22 -7.78 5.18
C THR A 38 7.50 -8.12 4.42
N LYS A 39 7.82 -9.41 4.38
CA LYS A 39 9.03 -9.86 3.68
C LYS A 39 9.22 -9.07 2.39
N GLU A 40 8.12 -8.73 1.73
CA GLU A 40 8.19 -7.97 0.49
C GLU A 40 8.02 -6.48 0.76
N LEU A 41 7.12 -6.15 1.68
CA LEU A 41 6.86 -4.76 2.03
C LEU A 41 8.15 -4.08 2.48
N GLY A 42 8.72 -4.56 3.58
CA GLY A 42 9.95 -3.98 4.11
C GLY A 42 10.93 -3.67 2.98
N LYS A 43 11.18 -4.66 2.13
CA LYS A 43 12.10 -4.48 1.01
C LYS A 43 12.00 -3.06 0.45
N VAL A 44 10.76 -2.57 0.32
CA VAL A 44 10.54 -1.22 -0.20
C VAL A 44 10.91 -0.18 0.85
N MET A 45 10.65 -0.50 2.11
CA MET A 45 10.95 0.42 3.20
C MET A 45 12.39 0.91 3.11
N ARG A 46 13.33 -0.02 3.15
CA ARG A 46 14.75 0.32 3.07
C ARG A 46 14.97 1.43 2.04
N MET A 47 14.22 1.36 0.94
CA MET A 47 14.35 2.36 -0.12
C MET A 47 13.51 3.60 0.21
N LEU A 48 12.42 3.38 0.93
CA LEU A 48 11.54 4.49 1.31
C LEU A 48 12.24 5.40 2.32
N GLY A 49 13.40 4.96 2.81
CA GLY A 49 14.15 5.74 3.79
C GLY A 49 13.89 5.23 5.21
N GLN A 50 13.40 4.01 5.31
CA GLN A 50 13.10 3.42 6.62
C GLN A 50 13.40 1.92 6.60
N ASN A 51 12.95 1.23 7.63
CA ASN A 51 13.17 -0.22 7.73
C ASN A 51 12.46 -0.78 8.95
N PRO A 52 11.19 -1.06 8.83
CA PRO A 52 10.37 -1.62 9.95
C PRO A 52 10.69 -3.09 10.21
N THR A 53 10.34 -3.56 11.40
CA THR A 53 10.60 -4.95 11.76
C THR A 53 9.48 -5.86 11.26
N PRO A 54 9.71 -7.14 11.22
CA PRO A 54 8.71 -8.14 10.75
C PRO A 54 7.56 -8.31 11.75
N GLU A 55 7.79 -7.87 12.98
CA GLU A 55 6.77 -7.99 14.02
C GLU A 55 5.81 -6.81 13.96
N GLU A 56 6.31 -5.66 13.51
CA GLU A 56 5.49 -4.47 13.42
C GLU A 56 4.87 -4.34 12.02
N LEU A 57 5.67 -4.64 11.01
CA LEU A 57 5.20 -4.57 9.63
C LEU A 57 3.74 -5.01 9.54
N GLN A 58 3.44 -6.15 10.16
CA GLN A 58 2.07 -6.66 10.15
C GLN A 58 1.06 -5.53 10.22
N GLU A 59 1.40 -4.49 10.99
CA GLU A 59 0.52 -3.34 11.13
C GLU A 59 0.13 -2.78 9.77
N MET A 60 1.07 -2.78 8.84
CA MET A 60 0.82 -2.27 7.50
C MET A 60 -0.18 -3.17 6.77
N ILE A 61 -0.27 -4.42 7.21
CA ILE A 61 -1.19 -5.37 6.59
C ILE A 61 -2.47 -5.49 7.42
N ASP A 62 -2.32 -5.54 8.74
CA ASP A 62 -3.47 -5.65 9.62
C ASP A 62 -4.34 -4.40 9.55
N GLU A 63 -3.78 -3.34 8.97
CA GLU A 63 -4.51 -2.09 8.84
C GLU A 63 -5.57 -2.20 7.74
N VAL A 64 -5.44 -3.21 6.89
CA VAL A 64 -6.39 -3.43 5.81
C VAL A 64 -6.58 -4.91 5.54
N ASP A 65 -6.80 -5.68 6.61
CA ASP A 65 -7.00 -7.12 6.47
C ASP A 65 -8.42 -7.51 6.85
N GLU A 66 -9.33 -7.41 5.89
CA GLU A 66 -10.72 -7.76 6.12
C GLU A 66 -11.03 -9.14 5.58
N ASP A 67 -10.05 -10.04 5.64
CA ASP A 67 -10.24 -11.40 5.14
C ASP A 67 -9.68 -12.40 6.13
N GLY A 68 -8.74 -11.96 6.96
CA GLY A 68 -8.12 -12.84 7.95
C GLY A 68 -7.06 -13.73 7.31
N SER A 69 -6.65 -13.36 6.10
CA SER A 69 -5.62 -14.13 5.38
C SER A 69 -4.23 -13.80 5.91
N GLY A 70 -4.01 -12.52 6.21
CA GLY A 70 -2.72 -12.09 6.72
C GLY A 70 -1.97 -11.27 5.67
N THR A 71 -2.14 -11.64 4.41
CA THR A 71 -1.48 -10.94 3.32
C THR A 71 -2.43 -9.94 2.67
N VAL A 72 -1.87 -8.83 2.17
CA VAL A 72 -2.67 -7.80 1.53
C VAL A 72 -2.71 -8.02 0.02
N ASP A 73 -3.81 -7.60 -0.59
CA ASP A 73 -3.97 -7.76 -2.04
C ASP A 73 -4.43 -6.46 -2.67
N PHE A 74 -4.70 -6.50 -3.98
CA PHE A 74 -5.15 -5.31 -4.69
C PHE A 74 -6.41 -4.75 -4.05
N ASP A 75 -7.07 -5.57 -3.24
CA ASP A 75 -8.30 -5.14 -2.57
C ASP A 75 -7.97 -4.44 -1.25
N GLU A 76 -7.08 -5.05 -0.47
CA GLU A 76 -6.69 -4.47 0.81
C GLU A 76 -5.64 -3.38 0.62
N PHE A 77 -4.80 -3.55 -0.40
CA PHE A 77 -3.75 -2.57 -0.68
C PHE A 77 -4.37 -1.24 -1.10
N LEU A 78 -5.08 -1.25 -2.22
CA LEU A 78 -5.71 -0.04 -2.71
C LEU A 78 -6.25 0.81 -1.55
N VAL A 79 -6.97 0.16 -0.64
CA VAL A 79 -7.52 0.86 0.50
C VAL A 79 -6.41 1.50 1.33
N MET A 80 -5.32 0.78 1.50
CA MET A 80 -4.19 1.30 2.27
C MET A 80 -3.72 2.64 1.71
N MET A 81 -4.15 2.94 0.49
CA MET A 81 -3.76 4.20 -0.15
C MET A 81 -4.79 5.28 0.15
N VAL A 82 -6.07 4.93 0.01
CA VAL A 82 -7.14 5.89 0.26
C VAL A 82 -7.08 6.40 1.70
N ARG A 83 -6.78 5.50 2.63
CA ARG A 83 -6.68 5.86 4.03
C ARG A 83 -5.61 6.93 4.24
N CYS A 84 -4.58 6.89 3.40
CA CYS A 84 -3.49 7.85 3.49
C CYS A 84 -3.51 8.80 2.30
N MET A 85 -4.70 9.25 1.92
CA MET A 85 -4.84 10.16 0.79
C MET A 85 -4.05 11.44 1.04
N LYS A 86 -4.60 12.31 1.88
CA LYS A 86 -3.93 13.57 2.19
C LYS A 86 -3.93 13.82 3.69
N ASP A 87 -2.87 14.46 4.18
CA ASP A 87 -2.76 14.74 5.61
C ASP A 87 -3.38 16.11 5.93
N ASP A 88 -4.43 16.09 6.75
CA ASP A 88 -5.10 17.32 7.13
C ASP A 88 -5.77 17.17 8.49
N SER A 89 -5.12 16.44 9.38
CA SER A 89 -5.65 16.22 10.72
C SER A 89 -5.03 17.20 11.72
N ARG B 1 6.56 6.85 10.53
CA ARG B 1 5.66 6.05 9.65
C ARG B 1 5.72 6.62 8.23
N MET B 2 5.43 5.76 7.26
CA MET B 2 5.45 6.18 5.85
C MET B 2 4.05 6.50 5.37
N SER B 3 3.92 7.59 4.62
CA SER B 3 2.62 7.99 4.09
C SER B 3 2.56 7.78 2.58
N ALA B 4 1.38 7.42 2.09
CA ALA B 4 1.20 7.19 0.66
C ALA B 4 1.85 8.30 -0.15
N ASP B 5 1.76 9.52 0.36
CA ASP B 5 2.34 10.67 -0.33
C ASP B 5 3.85 10.52 -0.45
N ALA B 6 4.49 10.07 0.63
CA ALA B 6 5.93 9.88 0.62
C ALA B 6 6.30 8.63 -0.16
N MET B 7 5.64 7.52 0.15
CA MET B 7 5.91 6.26 -0.53
C MET B 7 5.77 6.43 -2.04
N LEU B 8 4.98 7.42 -2.45
CA LEU B 8 4.77 7.68 -3.87
C LEU B 8 5.94 8.47 -4.45
N LYS B 9 6.52 9.34 -3.63
CA LYS B 9 7.65 10.15 -4.08
C LYS B 9 8.93 9.30 -4.16
N ALA B 10 9.12 8.45 -3.16
CA ALA B 10 10.29 7.59 -3.12
C ALA B 10 10.17 6.47 -4.15
N LEU B 11 9.25 5.55 -3.89
CA LEU B 11 9.04 4.43 -4.80
C LEU B 11 8.70 4.92 -6.20
N LEU B 12 7.78 5.88 -6.27
CA LEU B 12 7.38 6.45 -7.56
C LEU B 12 7.93 7.85 -7.72
N GLY B 13 9.17 8.05 -7.32
CA GLY B 13 9.81 9.36 -7.42
C GLY B 13 9.97 9.77 -8.89
N SER B 14 10.13 8.78 -9.75
CA SER B 14 10.30 9.04 -11.18
C SER B 14 8.98 8.81 -11.92
N LYS B 15 8.17 7.90 -11.41
CA LYS B 15 6.88 7.59 -12.03
C LYS B 15 5.75 8.30 -11.31
N HIS B 16 6.10 9.29 -10.50
CA HIS B 16 5.11 10.05 -9.75
C HIS B 16 4.03 10.60 -10.70
N LYS B 17 4.47 11.08 -11.86
CA LYS B 17 3.54 11.64 -12.84
C LYS B 17 2.68 12.73 -12.20
N MET A 1 -23.03 4.45 9.74
CA MET A 1 -21.76 4.85 9.07
C MET A 1 -21.81 4.46 7.60
N ASP A 2 -20.70 4.65 6.90
CA ASP A 2 -20.63 4.32 5.48
C ASP A 2 -19.24 3.83 5.10
N ASP A 3 -18.95 3.79 3.81
CA ASP A 3 -17.65 3.36 3.33
C ASP A 3 -16.97 4.45 2.52
N ILE A 4 -16.20 5.29 3.21
CA ILE A 4 -15.50 6.38 2.55
C ILE A 4 -14.24 5.87 1.84
N TYR A 5 -13.85 4.65 2.17
CA TYR A 5 -12.66 4.05 1.58
C TYR A 5 -13.05 3.11 0.43
N LYS A 6 -13.99 2.22 0.71
CA LYS A 6 -14.45 1.27 -0.30
C LYS A 6 -15.10 2.00 -1.47
N ALA A 7 -15.65 3.17 -1.19
CA ALA A 7 -16.30 3.97 -2.22
C ALA A 7 -15.27 4.64 -3.12
N ALA A 8 -14.24 5.20 -2.50
CA ALA A 8 -13.18 5.87 -3.27
C ALA A 8 -12.51 4.90 -4.23
N VAL A 9 -12.13 3.74 -3.72
CA VAL A 9 -11.48 2.72 -4.55
C VAL A 9 -12.24 2.54 -5.86
N GLU A 10 -13.53 2.24 -5.75
CA GLU A 10 -14.35 2.03 -6.93
C GLU A 10 -14.40 3.30 -7.78
N GLN A 11 -14.26 4.45 -7.13
CA GLN A 11 -14.28 5.73 -7.83
C GLN A 11 -12.86 6.17 -8.17
N LEU A 12 -12.06 5.24 -8.68
CA LEU A 12 -10.69 5.55 -9.06
C LEU A 12 -10.52 5.53 -10.57
N THR A 13 -9.74 6.48 -11.08
CA THR A 13 -9.51 6.55 -12.53
C THR A 13 -8.16 5.94 -12.88
N GLU A 14 -8.00 5.58 -14.15
CA GLU A 14 -6.74 4.98 -14.61
C GLU A 14 -5.56 5.84 -14.20
N GLU A 15 -5.82 7.11 -13.91
CA GLU A 15 -4.76 8.03 -13.51
C GLU A 15 -4.21 7.63 -12.14
N GLN A 16 -5.08 7.22 -11.24
CA GLN A 16 -4.67 6.81 -9.90
C GLN A 16 -4.21 5.36 -9.91
N LYS A 17 -5.12 4.46 -10.29
CA LYS A 17 -4.80 3.05 -10.33
C LYS A 17 -3.41 2.81 -10.92
N ASN A 18 -3.14 3.46 -12.05
CA ASN A 18 -1.85 3.33 -12.71
C ASN A 18 -0.72 3.55 -11.72
N GLU A 19 -0.99 4.35 -10.69
CA GLU A 19 0.02 4.64 -9.67
C GLU A 19 0.03 3.55 -8.61
N PHE A 20 -1.15 3.17 -8.13
CA PHE A 20 -1.25 2.14 -7.10
C PHE A 20 -0.72 0.81 -7.62
N LYS A 21 -0.94 0.56 -8.91
CA LYS A 21 -0.47 -0.68 -9.52
C LYS A 21 1.05 -0.77 -9.46
N ALA A 22 1.70 0.38 -9.38
CA ALA A 22 3.16 0.43 -9.32
C ALA A 22 3.66 -0.26 -8.05
N ALA A 23 3.35 0.33 -6.91
CA ALA A 23 3.77 -0.23 -5.63
C ALA A 23 3.32 -1.68 -5.49
N PHE A 24 2.03 -1.92 -5.71
CA PHE A 24 1.48 -3.26 -5.62
C PHE A 24 2.46 -4.28 -6.23
N ASP A 25 3.11 -3.88 -7.31
CA ASP A 25 4.07 -4.76 -7.97
C ASP A 25 5.34 -4.91 -7.14
N ILE A 26 5.97 -3.78 -6.82
CA ILE A 26 7.19 -3.79 -6.03
C ILE A 26 6.92 -4.33 -4.64
N PHE A 27 5.66 -4.28 -4.23
CA PHE A 27 5.28 -4.78 -2.90
C PHE A 27 5.28 -6.30 -2.88
N VAL A 28 5.01 -6.91 -4.04
CA VAL A 28 4.99 -8.37 -4.13
C VAL A 28 6.10 -8.86 -5.05
N LEU A 29 7.23 -8.16 -5.02
CA LEU A 29 8.37 -8.54 -5.85
C LEU A 29 9.03 -9.80 -5.30
N GLY A 30 8.48 -10.95 -5.69
CA GLY A 30 9.03 -12.23 -5.24
C GLY A 30 7.95 -13.07 -4.56
N ALA A 31 6.72 -12.58 -4.61
CA ALA A 31 5.60 -13.30 -4.01
C ALA A 31 5.33 -14.61 -4.74
N GLU A 32 4.45 -15.43 -4.19
CA GLU A 32 4.11 -16.70 -4.81
C GLU A 32 2.83 -16.58 -5.62
N ASP A 33 1.82 -15.95 -5.03
CA ASP A 33 0.54 -15.77 -5.72
C ASP A 33 0.37 -14.32 -6.16
N GLY A 34 0.70 -13.39 -5.27
CA GLY A 34 0.58 -11.97 -5.59
C GLY A 34 0.03 -11.20 -4.39
N CYS A 35 0.61 -11.43 -3.22
CA CYS A 35 0.17 -10.75 -2.01
C CYS A 35 1.36 -10.11 -1.29
N ILE A 36 1.13 -9.69 -0.05
CA ILE A 36 2.19 -9.07 0.74
C ILE A 36 2.30 -9.73 2.11
N SER A 37 3.51 -9.73 2.68
CA SER A 37 3.73 -10.33 3.99
C SER A 37 4.96 -9.73 4.65
N THR A 38 5.10 -8.42 4.52
CA THR A 38 6.24 -7.73 5.12
C THR A 38 7.53 -8.10 4.39
N LYS A 39 7.82 -9.40 4.33
CA LYS A 39 9.03 -9.87 3.66
C LYS A 39 9.27 -9.08 2.38
N GLU A 40 8.19 -8.79 1.65
CA GLU A 40 8.30 -8.05 0.40
C GLU A 40 8.09 -6.56 0.66
N LEU A 41 7.15 -6.24 1.54
CA LEU A 41 6.86 -4.85 1.86
C LEU A 41 8.11 -4.15 2.39
N GLY A 42 8.64 -4.66 3.50
CA GLY A 42 9.84 -4.07 4.10
C GLY A 42 10.89 -3.77 3.03
N LYS A 43 11.04 -4.69 2.09
CA LYS A 43 12.03 -4.51 1.02
C LYS A 43 11.97 -3.09 0.48
N VAL A 44 10.76 -2.56 0.35
CA VAL A 44 10.58 -1.21 -0.16
C VAL A 44 10.98 -0.17 0.89
N MET A 45 10.64 -0.45 2.14
CA MET A 45 10.97 0.46 3.23
C MET A 45 12.41 0.94 3.12
N ARG A 46 13.34 0.00 3.20
CA ARG A 46 14.76 0.34 3.09
C ARG A 46 14.99 1.42 2.04
N MET A 47 14.22 1.35 0.96
CA MET A 47 14.33 2.33 -0.11
C MET A 47 13.51 3.58 0.21
N LEU A 48 12.41 3.39 0.92
CA LEU A 48 11.55 4.51 1.30
C LEU A 48 12.26 5.42 2.30
N GLY A 49 13.38 4.95 2.83
CA GLY A 49 14.15 5.73 3.80
C GLY A 49 13.90 5.23 5.22
N GLN A 50 13.39 4.00 5.32
CA GLN A 50 13.12 3.41 6.63
C GLN A 50 13.40 1.91 6.61
N ASN A 51 12.95 1.22 7.64
CA ASN A 51 13.15 -0.23 7.73
C ASN A 51 12.45 -0.80 8.95
N PRO A 52 11.17 -1.04 8.84
CA PRO A 52 10.36 -1.60 9.96
C PRO A 52 10.65 -3.08 10.20
N THR A 53 10.38 -3.53 11.42
CA THR A 53 10.62 -4.94 11.76
C THR A 53 9.49 -5.82 11.24
N PRO A 54 9.71 -7.10 11.20
CA PRO A 54 8.70 -8.08 10.72
C PRO A 54 7.56 -8.27 11.72
N GLU A 55 7.80 -7.87 12.97
CA GLU A 55 6.79 -7.99 14.00
C GLU A 55 5.82 -6.82 13.96
N GLU A 56 6.33 -5.66 13.54
CA GLU A 56 5.50 -4.47 13.45
C GLU A 56 4.90 -4.32 12.05
N LEU A 57 5.71 -4.63 11.04
CA LEU A 57 5.25 -4.53 9.65
C LEU A 57 3.80 -5.00 9.54
N GLN A 58 3.49 -6.10 10.22
CA GLN A 58 2.13 -6.65 10.18
C GLN A 58 1.11 -5.52 10.25
N GLU A 59 1.42 -4.47 11.00
CA GLU A 59 0.51 -3.33 11.12
C GLU A 59 0.11 -2.82 9.75
N MET A 60 1.07 -2.72 8.84
CA MET A 60 0.80 -2.24 7.49
C MET A 60 -0.13 -3.19 6.76
N ILE A 61 -0.28 -4.40 7.30
CA ILE A 61 -1.15 -5.40 6.69
C ILE A 61 -2.45 -5.53 7.48
N ASP A 62 -2.33 -5.52 8.80
CA ASP A 62 -3.51 -5.64 9.66
C ASP A 62 -4.38 -4.38 9.57
N GLU A 63 -3.80 -3.32 9.00
CA GLU A 63 -4.52 -2.06 8.86
C GLU A 63 -5.58 -2.18 7.76
N VAL A 64 -5.45 -3.21 6.92
CA VAL A 64 -6.39 -3.41 5.83
C VAL A 64 -6.57 -4.90 5.55
N ASP A 65 -6.85 -5.67 6.60
CA ASP A 65 -7.04 -7.11 6.46
C ASP A 65 -8.46 -7.50 6.84
N GLU A 66 -9.38 -7.31 5.90
CA GLU A 66 -10.78 -7.66 6.15
C GLU A 66 -11.08 -9.06 5.64
N ASP A 67 -10.06 -9.91 5.61
CA ASP A 67 -10.23 -11.29 5.15
C ASP A 67 -9.34 -12.23 5.95
N GLY A 68 -8.94 -11.80 7.14
CA GLY A 68 -8.09 -12.62 8.00
C GLY A 68 -7.30 -13.62 7.16
N SER A 69 -6.32 -13.12 6.42
CA SER A 69 -5.49 -13.99 5.59
C SER A 69 -4.01 -13.83 5.94
N GLY A 70 -3.64 -12.62 6.37
CA GLY A 70 -2.26 -12.34 6.74
C GLY A 70 -1.55 -11.56 5.63
N THR A 71 -1.92 -11.83 4.39
CA THR A 71 -1.31 -11.14 3.25
C THR A 71 -2.28 -10.12 2.67
N VAL A 72 -1.73 -9.08 2.05
CA VAL A 72 -2.55 -8.03 1.45
C VAL A 72 -2.69 -8.26 -0.05
N ASP A 73 -3.75 -7.70 -0.62
CA ASP A 73 -3.99 -7.85 -2.06
C ASP A 73 -4.46 -6.53 -2.66
N PHE A 74 -4.68 -6.53 -3.97
CA PHE A 74 -5.14 -5.32 -4.66
C PHE A 74 -6.39 -4.76 -3.98
N ASP A 75 -7.09 -5.61 -3.25
CA ASP A 75 -8.31 -5.18 -2.55
C ASP A 75 -7.95 -4.45 -1.27
N GLU A 76 -7.07 -5.04 -0.47
CA GLU A 76 -6.66 -4.43 0.78
C GLU A 76 -5.63 -3.33 0.53
N PHE A 77 -4.66 -3.62 -0.34
CA PHE A 77 -3.63 -2.65 -0.65
C PHE A 77 -4.24 -1.33 -1.09
N LEU A 78 -5.06 -1.37 -2.13
CA LEU A 78 -5.71 -0.17 -2.63
C LEU A 78 -6.17 0.72 -1.48
N VAL A 79 -7.03 0.17 -0.63
CA VAL A 79 -7.54 0.93 0.51
C VAL A 79 -6.39 1.56 1.30
N MET A 80 -5.35 0.76 1.53
CA MET A 80 -4.19 1.25 2.27
C MET A 80 -3.74 2.60 1.73
N MET A 81 -4.12 2.90 0.49
CA MET A 81 -3.74 4.15 -0.14
C MET A 81 -4.78 5.24 0.17
N VAL A 82 -6.05 4.89 0.01
CA VAL A 82 -7.13 5.83 0.28
C VAL A 82 -7.05 6.36 1.70
N ARG A 83 -6.78 5.46 2.64
CA ARG A 83 -6.68 5.83 4.05
C ARG A 83 -5.62 6.91 4.24
N CYS A 84 -4.58 6.85 3.40
CA CYS A 84 -3.50 7.84 3.48
C CYS A 84 -3.52 8.76 2.28
N MET A 85 -4.70 9.25 1.94
CA MET A 85 -4.86 10.16 0.80
C MET A 85 -4.07 11.45 1.03
N LYS A 86 -4.60 12.31 1.89
CA LYS A 86 -3.94 13.57 2.19
C LYS A 86 -3.94 13.83 3.70
N ASP A 87 -2.87 14.46 4.18
CA ASP A 87 -2.76 14.75 5.61
C ASP A 87 -3.38 16.11 5.93
N ASP A 88 -4.42 16.10 6.74
CA ASP A 88 -5.10 17.33 7.12
C ASP A 88 -5.78 17.19 8.48
N SER A 89 -5.12 16.45 9.38
CA SER A 89 -5.67 16.24 10.71
C SER A 89 -5.04 17.21 11.71
N ARG B 1 2.01 5.79 8.90
CA ARG B 1 1.99 4.70 7.88
C ARG B 1 2.15 5.30 6.49
N MET B 2 3.14 6.18 6.35
CA MET B 2 3.39 6.82 5.05
C MET B 2 2.14 7.53 4.56
N SER B 3 2.26 8.82 4.26
CA SER B 3 1.13 9.59 3.78
C SER B 3 0.85 9.27 2.31
N ALA B 4 1.34 8.12 1.85
CA ALA B 4 1.15 7.71 0.47
C ALA B 4 1.96 8.58 -0.47
N ASP B 5 1.83 9.90 -0.34
CA ASP B 5 2.55 10.83 -1.19
C ASP B 5 4.06 10.57 -1.08
N ALA B 6 4.55 10.41 0.14
CA ALA B 6 5.96 10.16 0.36
C ALA B 6 6.37 8.80 -0.21
N MET B 7 5.48 7.82 -0.07
CA MET B 7 5.74 6.48 -0.58
C MET B 7 5.84 6.50 -2.10
N LEU B 8 5.27 7.53 -2.72
CA LEU B 8 5.29 7.65 -4.17
C LEU B 8 6.54 8.40 -4.63
N LYS B 9 7.07 9.24 -3.75
CA LYS B 9 8.27 10.01 -4.08
C LYS B 9 9.47 9.09 -4.22
N ALA B 10 9.61 8.16 -3.28
CA ALA B 10 10.73 7.22 -3.31
C ALA B 10 10.46 6.08 -4.29
N LEU B 11 9.57 5.18 -3.91
CA LEU B 11 9.23 4.05 -4.76
C LEU B 11 9.14 4.48 -6.23
N LEU B 12 8.41 5.58 -6.47
CA LEU B 12 8.25 6.09 -7.82
C LEU B 12 8.34 7.61 -7.83
N GLY B 13 9.54 8.14 -7.60
CA GLY B 13 9.73 9.58 -7.57
C GLY B 13 9.80 10.14 -8.99
N SER B 14 10.29 9.33 -9.92
CA SER B 14 10.41 9.76 -11.31
C SER B 14 9.04 10.01 -11.90
N LYS B 15 8.07 9.17 -11.55
CA LYS B 15 6.71 9.32 -12.06
C LYS B 15 5.72 9.38 -10.90
N HIS B 16 5.02 10.52 -10.80
CA HIS B 16 4.04 10.70 -9.73
C HIS B 16 2.95 11.67 -10.17
N LYS B 17 3.32 12.93 -10.31
CA LYS B 17 2.36 13.96 -10.73
C LYS B 17 3.06 15.06 -11.52
N MET A 1 -23.02 4.45 9.73
CA MET A 1 -21.75 4.85 9.07
C MET A 1 -21.81 4.46 7.60
N ASP A 2 -20.70 4.66 6.90
CA ASP A 2 -20.63 4.32 5.48
C ASP A 2 -19.23 3.83 5.11
N ASP A 3 -18.95 3.81 3.80
CA ASP A 3 -17.64 3.37 3.34
C ASP A 3 -16.96 4.47 2.52
N ILE A 4 -16.19 5.31 3.20
CA ILE A 4 -15.49 6.40 2.53
C ILE A 4 -14.24 5.88 1.83
N TYR A 5 -13.86 4.64 2.15
CA TYR A 5 -12.68 4.05 1.54
C TYR A 5 -13.07 3.11 0.41
N LYS A 6 -14.00 2.20 0.69
CA LYS A 6 -14.46 1.25 -0.32
C LYS A 6 -15.13 1.98 -1.48
N ALA A 7 -15.65 3.17 -1.21
CA ALA A 7 -16.31 3.97 -2.24
C ALA A 7 -15.27 4.64 -3.14
N ALA A 8 -14.24 5.21 -2.53
CA ALA A 8 -13.19 5.88 -3.27
C ALA A 8 -12.51 4.91 -4.24
N VAL A 9 -12.16 3.73 -3.72
CA VAL A 9 -11.50 2.72 -4.56
C VAL A 9 -12.24 2.54 -5.87
N GLU A 10 -13.53 2.21 -5.78
CA GLU A 10 -14.34 2.01 -6.97
C GLU A 10 -14.41 3.29 -7.80
N GLN A 11 -14.25 4.42 -7.13
CA GLN A 11 -14.29 5.71 -7.81
C GLN A 11 -12.88 6.17 -8.17
N LEU A 12 -12.07 5.25 -8.66
CA LEU A 12 -10.69 5.58 -9.03
C LEU A 12 -10.53 5.55 -10.55
N THR A 13 -9.76 6.49 -11.07
CA THR A 13 -9.52 6.57 -12.51
C THR A 13 -8.18 5.95 -12.88
N GLU A 14 -8.02 5.59 -14.14
CA GLU A 14 -6.78 4.98 -14.61
C GLU A 14 -5.58 5.85 -14.21
N GLU A 15 -5.85 7.12 -13.90
CA GLU A 15 -4.79 8.03 -13.51
C GLU A 15 -4.22 7.63 -12.15
N GLN A 16 -5.10 7.22 -11.25
CA GLN A 16 -4.68 6.82 -9.91
C GLN A 16 -4.23 5.36 -9.90
N LYS A 17 -5.13 4.46 -10.29
CA LYS A 17 -4.80 3.04 -10.33
C LYS A 17 -3.42 2.82 -10.92
N ASN A 18 -3.16 3.47 -12.05
CA ASN A 18 -1.87 3.33 -12.71
C ASN A 18 -0.73 3.55 -11.72
N GLU A 19 -0.98 4.40 -10.73
CA GLU A 19 0.04 4.69 -9.72
C GLU A 19 0.08 3.59 -8.67
N PHE A 20 -1.08 3.24 -8.13
CA PHE A 20 -1.16 2.19 -7.12
C PHE A 20 -0.59 0.88 -7.67
N LYS A 21 -0.96 0.55 -8.91
CA LYS A 21 -0.48 -0.67 -9.53
C LYS A 21 1.04 -0.76 -9.46
N ALA A 22 1.69 0.40 -9.40
CA ALA A 22 3.15 0.44 -9.33
C ALA A 22 3.64 -0.23 -8.05
N ALA A 23 3.30 0.37 -6.91
CA ALA A 23 3.72 -0.17 -5.63
C ALA A 23 3.30 -1.63 -5.50
N PHE A 24 2.03 -1.90 -5.73
CA PHE A 24 1.51 -3.26 -5.65
C PHE A 24 2.52 -4.25 -6.24
N ASP A 25 3.10 -3.89 -7.37
CA ASP A 25 4.08 -4.75 -8.03
C ASP A 25 5.32 -4.91 -7.17
N ILE A 26 5.97 -3.79 -6.86
CA ILE A 26 7.17 -3.81 -6.04
C ILE A 26 6.87 -4.38 -4.66
N PHE A 27 5.61 -4.26 -4.24
CA PHE A 27 5.21 -4.76 -2.93
C PHE A 27 5.20 -6.29 -2.93
N VAL A 28 4.93 -6.88 -4.08
CA VAL A 28 4.90 -8.34 -4.20
C VAL A 28 6.04 -8.83 -5.08
N LEU A 29 7.17 -8.15 -5.02
CA LEU A 29 8.33 -8.53 -5.81
C LEU A 29 8.98 -9.78 -5.26
N GLY A 30 8.49 -10.95 -5.71
CA GLY A 30 9.03 -12.21 -5.24
C GLY A 30 7.96 -13.05 -4.56
N ALA A 31 6.72 -12.57 -4.62
CA ALA A 31 5.61 -13.29 -4.00
C ALA A 31 5.34 -14.60 -4.74
N GLU A 32 4.45 -15.41 -4.18
CA GLU A 32 4.11 -16.69 -4.79
C GLU A 32 2.83 -16.58 -5.61
N ASP A 33 1.81 -15.94 -5.03
CA ASP A 33 0.54 -15.76 -5.72
C ASP A 33 0.36 -14.32 -6.17
N GLY A 34 0.69 -13.38 -5.27
CA GLY A 34 0.56 -11.97 -5.59
C GLY A 34 0.03 -11.18 -4.39
N CYS A 35 0.63 -11.43 -3.23
CA CYS A 35 0.20 -10.74 -2.01
C CYS A 35 1.41 -10.13 -1.29
N ILE A 36 1.18 -9.68 -0.06
CA ILE A 36 2.26 -9.08 0.73
C ILE A 36 2.34 -9.75 2.10
N SER A 37 3.54 -9.71 2.69
CA SER A 37 3.75 -10.30 3.99
C SER A 37 4.98 -9.72 4.67
N THR A 38 5.15 -8.41 4.55
CA THR A 38 6.30 -7.73 5.14
C THR A 38 7.58 -8.10 4.41
N LYS A 39 7.86 -9.40 4.34
CA LYS A 39 9.06 -9.88 3.67
C LYS A 39 9.29 -9.11 2.37
N GLU A 40 8.21 -8.83 1.66
CA GLU A 40 8.31 -8.09 0.41
C GLU A 40 8.09 -6.60 0.64
N LEU A 41 7.15 -6.27 1.53
CA LEU A 41 6.85 -4.89 1.83
C LEU A 41 8.09 -4.18 2.36
N GLY A 42 8.62 -4.66 3.49
CA GLY A 42 9.81 -4.06 4.09
C GLY A 42 10.87 -3.78 3.03
N LYS A 43 11.01 -4.70 2.09
CA LYS A 43 12.00 -4.53 1.02
C LYS A 43 11.94 -3.13 0.46
N VAL A 44 10.73 -2.58 0.34
CA VAL A 44 10.57 -1.23 -0.19
C VAL A 44 10.93 -0.19 0.87
N MET A 45 10.62 -0.50 2.12
CA MET A 45 10.93 0.42 3.21
C MET A 45 12.37 0.92 3.12
N ARG A 46 13.32 -0.02 3.17
CA ARG A 46 14.73 0.33 3.09
C ARG A 46 14.95 1.42 2.05
N MET A 47 14.20 1.35 0.95
CA MET A 47 14.32 2.33 -0.11
C MET A 47 13.50 3.58 0.21
N LEU A 48 12.40 3.38 0.94
CA LEU A 48 11.54 4.50 1.31
C LEU A 48 12.25 5.42 2.30
N GLY A 49 13.36 4.95 2.84
CA GLY A 49 14.13 5.74 3.80
C GLY A 49 13.90 5.24 5.22
N GLN A 50 13.39 4.02 5.34
CA GLN A 50 13.13 3.43 6.65
C GLN A 50 13.42 1.93 6.63
N ASN A 51 12.93 1.23 7.65
CA ASN A 51 13.16 -0.22 7.74
C ASN A 51 12.44 -0.79 8.96
N PRO A 52 11.17 -1.03 8.84
CA PRO A 52 10.35 -1.59 9.96
C PRO A 52 10.64 -3.07 10.20
N THR A 53 10.41 -3.53 11.42
CA THR A 53 10.65 -4.93 11.76
C THR A 53 9.51 -5.81 11.24
N PRO A 54 9.72 -7.10 11.21
CA PRO A 54 8.70 -8.07 10.73
C PRO A 54 7.56 -8.24 11.71
N GLU A 55 7.80 -7.87 12.97
CA GLU A 55 6.78 -7.99 14.00
C GLU A 55 5.82 -6.79 13.94
N GLU A 56 6.32 -5.66 13.47
CA GLU A 56 5.51 -4.46 13.37
C GLU A 56 4.90 -4.35 11.97
N LEU A 57 5.70 -4.62 10.95
CA LEU A 57 5.23 -4.55 9.57
C LEU A 57 3.78 -5.01 9.48
N GLN A 58 3.46 -6.11 10.17
CA GLN A 58 2.11 -6.65 10.16
C GLN A 58 1.08 -5.52 10.25
N GLU A 59 1.42 -4.47 11.00
CA GLU A 59 0.53 -3.34 11.15
C GLU A 59 0.11 -2.78 9.79
N MET A 60 1.06 -2.75 8.87
CA MET A 60 0.79 -2.25 7.52
C MET A 60 -0.14 -3.19 6.77
N ILE A 61 -0.26 -4.42 7.27
CA ILE A 61 -1.12 -5.41 6.64
C ILE A 61 -2.42 -5.57 7.43
N ASP A 62 -2.31 -5.52 8.75
CA ASP A 62 -3.49 -5.65 9.60
C ASP A 62 -4.36 -4.41 9.53
N GLU A 63 -3.80 -3.34 8.97
CA GLU A 63 -4.54 -2.09 8.84
C GLU A 63 -5.61 -2.20 7.75
N VAL A 64 -5.46 -3.21 6.89
CA VAL A 64 -6.41 -3.43 5.80
C VAL A 64 -6.59 -4.92 5.54
N ASP A 65 -6.80 -5.68 6.60
CA ASP A 65 -6.99 -7.13 6.47
C ASP A 65 -8.41 -7.51 6.84
N GLU A 66 -9.33 -7.40 5.88
CA GLU A 66 -10.72 -7.74 6.12
C GLU A 66 -11.02 -9.14 5.61
N ASP A 67 -10.02 -10.02 5.67
CA ASP A 67 -10.20 -11.39 5.20
C ASP A 67 -9.56 -12.37 6.17
N GLY A 68 -8.63 -11.88 6.98
CA GLY A 68 -7.95 -12.71 7.96
C GLY A 68 -6.75 -13.42 7.34
N SER A 69 -6.81 -13.62 6.03
CA SER A 69 -5.71 -14.27 5.32
C SER A 69 -4.37 -13.89 5.93
N GLY A 70 -4.15 -12.58 6.08
CA GLY A 70 -2.90 -12.10 6.65
C GLY A 70 -2.12 -11.26 5.64
N THR A 71 -2.20 -11.67 4.38
CA THR A 71 -1.50 -10.95 3.32
C THR A 71 -2.41 -9.90 2.68
N VAL A 72 -1.81 -8.90 2.05
CA VAL A 72 -2.57 -7.85 1.40
C VAL A 72 -2.67 -8.08 -0.10
N ASP A 73 -3.74 -7.61 -0.72
CA ASP A 73 -3.93 -7.78 -2.14
C ASP A 73 -4.42 -6.48 -2.78
N PHE A 74 -4.70 -6.53 -4.08
CA PHE A 74 -5.17 -5.34 -4.79
C PHE A 74 -6.43 -4.78 -4.13
N ASP A 75 -7.06 -5.59 -3.29
CA ASP A 75 -8.27 -5.17 -2.60
C ASP A 75 -7.91 -4.43 -1.31
N GLU A 76 -7.08 -5.04 -0.50
CA GLU A 76 -6.67 -4.43 0.77
C GLU A 76 -5.63 -3.34 0.52
N PHE A 77 -4.67 -3.64 -0.35
CA PHE A 77 -3.62 -2.66 -0.66
C PHE A 77 -4.22 -1.33 -1.08
N LEU A 78 -5.04 -1.36 -2.13
CA LEU A 78 -5.67 -0.15 -2.62
C LEU A 78 -6.14 0.73 -1.45
N VAL A 79 -7.04 0.19 -0.64
CA VAL A 79 -7.55 0.93 0.51
C VAL A 79 -6.40 1.56 1.30
N MET A 80 -5.35 0.77 1.54
CA MET A 80 -4.19 1.26 2.27
C MET A 80 -3.74 2.60 1.73
N MET A 81 -4.14 2.91 0.50
CA MET A 81 -3.76 4.16 -0.13
C MET A 81 -4.80 5.25 0.17
N VAL A 82 -6.06 4.92 -0.01
CA VAL A 82 -7.14 5.87 0.24
C VAL A 82 -7.07 6.38 1.67
N ARG A 83 -6.75 5.48 2.60
CA ARG A 83 -6.66 5.85 4.01
C ARG A 83 -5.60 6.93 4.20
N CYS A 84 -4.56 6.88 3.39
CA CYS A 84 -3.47 7.86 3.49
C CYS A 84 -3.50 8.81 2.29
N MET A 85 -4.70 9.25 1.92
CA MET A 85 -4.84 10.16 0.79
C MET A 85 -4.06 11.45 1.03
N LYS A 86 -4.60 12.31 1.88
CA LYS A 86 -3.93 13.57 2.19
C LYS A 86 -3.93 13.83 3.69
N ASP A 87 -2.87 14.46 4.18
CA ASP A 87 -2.74 14.74 5.61
C ASP A 87 -3.37 16.11 5.93
N ASP A 88 -4.42 16.09 6.74
CA ASP A 88 -5.09 17.32 7.12
C ASP A 88 -5.76 17.17 8.48
N SER A 89 -5.11 16.43 9.37
CA SER A 89 -5.65 16.22 10.71
C SER A 89 -5.03 17.20 11.71
N ARG B 1 6.88 6.05 10.44
CA ARG B 1 5.70 5.81 9.56
C ARG B 1 5.98 6.39 8.18
N MET B 2 5.10 6.07 7.22
CA MET B 2 5.27 6.57 5.85
C MET B 2 3.92 7.00 5.27
N SER B 3 3.95 8.03 4.45
CA SER B 3 2.72 8.53 3.83
C SER B 3 2.69 8.18 2.35
N ALA B 4 1.49 7.85 1.85
CA ALA B 4 1.34 7.50 0.45
C ALA B 4 2.16 8.43 -0.44
N ASP B 5 2.15 9.71 -0.10
CA ASP B 5 2.90 10.70 -0.87
C ASP B 5 4.39 10.38 -0.85
N ALA B 6 4.94 10.14 0.33
CA ALA B 6 6.34 9.82 0.47
C ALA B 6 6.67 8.51 -0.24
N MET B 7 5.84 7.50 -0.02
CA MET B 7 6.04 6.19 -0.64
C MET B 7 6.00 6.33 -2.16
N LEU B 8 5.31 7.35 -2.65
CA LEU B 8 5.19 7.57 -4.08
C LEU B 8 6.42 8.31 -4.60
N LYS B 9 7.02 9.13 -3.75
CA LYS B 9 8.21 9.89 -4.14
C LYS B 9 9.42 8.97 -4.28
N ALA B 10 9.52 8.00 -3.38
CA ALA B 10 10.63 7.05 -3.41
C ALA B 10 10.36 5.93 -4.41
N LEU B 11 9.41 5.06 -4.08
CA LEU B 11 9.06 3.95 -4.95
C LEU B 11 8.77 4.45 -6.36
N LEU B 12 7.97 5.52 -6.45
CA LEU B 12 7.62 6.08 -7.74
C LEU B 12 8.37 7.39 -7.98
N GLY B 13 9.57 7.49 -7.40
CA GLY B 13 10.38 8.69 -7.56
C GLY B 13 10.70 8.95 -9.02
N SER B 14 9.75 9.55 -9.74
CA SER B 14 9.95 9.86 -11.16
C SER B 14 8.85 10.78 -11.66
N LYS B 15 8.10 10.31 -12.65
CA LYS B 15 7.02 11.11 -13.22
C LYS B 15 6.04 11.54 -12.14
N HIS B 16 5.81 10.65 -11.18
CA HIS B 16 4.88 10.94 -10.09
C HIS B 16 3.61 11.59 -10.62
N LYS B 17 2.93 10.88 -11.51
CA LYS B 17 1.69 11.40 -12.09
C LYS B 17 0.76 11.93 -11.00
#